data_6TRY
#
_entry.id   6TRY
#
_cell.length_a   81.296
_cell.length_b   89.176
_cell.length_c   159.236
_cell.angle_alpha   90.000
_cell.angle_beta   90.000
_cell.angle_gamma   90.000
#
_symmetry.space_group_name_H-M   'P 21 2 21'
#
loop_
_entity.id
_entity.type
_entity.pdbx_description
1 polymer 'Aldehyde dehydrogenase family 1 member A3'
2 non-polymer NICOTINAMIDE-ADENINE-DINUCLEOTIDE
3 non-polymer 8-(4-chlorophenyl)-2-phenyl-imidazo[1,2-a]pyridine
4 non-polymer GLYCEROL
5 water water
#
_entity_poly.entity_id   1
_entity_poly.type   'polypeptide(L)'
_entity_poly.pdbx_seq_one_letter_code
;MATANGAVENGQPDRKPPALPRPIRNLEVKFTKIFINNEWHESKSGKKFATCNPSTREQICEVEEGDKPDVDKAVEAAQV
AFQRGSPWRRLDALSRGRLLHQLADLVERDRATLAALETMDTGKPFLHAFFIDLEGCIRTLRYFAGWADKIQGKTIPTDD
NVVCFTRHEPIGVCGAITPWNFPLLMLVWKLAPALCCGNTMVLKPAEQTPLTALYLGSLIKEAGFPPGVVNIVPGFGPTV
GAAISSHPQINKIAFTGSTEVGKLVKEAASRSNLKRVTLELGGKNPCIVCADADLDLAVECAHQGVFFNQGQCCTAASRV
FVEEQVYSEFVRRSVEYAKKRPVGDPFDVKTEQGPQIDQKQFDKILELIESGKKEGAKLECGGSAMEDKGLFIKPTVFSE
VTDNMRIAKEEIFGPVQPILKFKSIEEVIKRANSTDYGLTAAVFTKNLDKALKLASALESGTVWINCYNALYAQAPFGGF
KMSGNGRELGEYALAEYTEVKTVTIKLGDKNP
;
_entity_poly.pdbx_strand_id   A,B
#
# COMPACT_ATOMS: atom_id res chain seq x y z
N ASN A 26 -23.36 37.84 4.78
CA ASN A 26 -24.59 37.11 5.09
C ASN A 26 -24.93 36.15 3.96
N LEU A 27 -24.29 34.98 3.97
CA LEU A 27 -24.40 33.99 2.90
C LEU A 27 -25.44 32.92 3.23
N GLU A 28 -26.19 32.51 2.22
CA GLU A 28 -27.18 31.45 2.35
C GLU A 28 -26.54 30.10 2.01
N VAL A 29 -26.77 29.11 2.85
CA VAL A 29 -26.29 27.76 2.61
C VAL A 29 -27.40 27.00 1.88
N LYS A 30 -27.15 26.62 0.64
CA LYS A 30 -28.22 26.03 -0.17
C LYS A 30 -28.17 24.51 -0.20
N PHE A 31 -27.05 23.91 0.17
CA PHE A 31 -26.86 22.47 0.06
C PHE A 31 -26.57 21.90 1.43
N THR A 32 -27.44 21.00 1.89
CA THR A 32 -27.39 20.48 3.24
C THR A 32 -27.66 18.99 3.29
N LYS A 33 -27.85 18.35 2.16
CA LYS A 33 -28.38 17.00 2.08
C LYS A 33 -27.30 16.03 1.62
N ILE A 34 -27.67 14.75 1.61
CA ILE A 34 -26.82 13.68 1.09
C ILE A 34 -26.85 13.74 -0.43
N PHE A 35 -25.66 13.76 -1.04
CA PHE A 35 -25.53 13.80 -2.50
C PHE A 35 -25.25 12.40 -3.04
N ILE A 36 -26.24 11.80 -3.72
CA ILE A 36 -26.11 10.47 -4.31
C ILE A 36 -26.78 10.47 -5.68
N ASN A 37 -26.08 9.92 -6.67
CA ASN A 37 -26.52 9.90 -8.06
C ASN A 37 -26.98 11.28 -8.53
N ASN A 38 -26.18 12.30 -8.20
CA ASN A 38 -26.49 13.66 -8.62
C ASN A 38 -27.85 14.15 -8.09
N GLU A 39 -28.39 13.49 -7.07
CA GLU A 39 -29.66 13.85 -6.46
C GLU A 39 -29.47 14.14 -4.97
N TRP A 40 -30.31 15.02 -4.43
CA TRP A 40 -30.22 15.44 -3.04
C TRP A 40 -31.12 14.59 -2.16
N HIS A 41 -30.60 14.16 -1.03
CA HIS A 41 -31.24 13.13 -0.24
C HIS A 41 -31.28 13.50 1.22
N GLU A 42 -32.36 13.13 1.89
CA GLU A 42 -32.38 13.21 3.33
C GLU A 42 -32.06 11.83 3.90
N SER A 43 -31.48 11.83 5.09
CA SER A 43 -31.00 10.60 5.67
C SER A 43 -32.13 9.62 5.83
N LYS A 44 -31.86 8.36 5.49
CA LYS A 44 -32.89 7.35 5.67
C LYS A 44 -33.37 7.33 7.11
N SER A 45 -32.51 7.72 8.05
CA SER A 45 -32.93 7.78 9.45
C SER A 45 -33.85 8.97 9.71
N GLY A 46 -33.60 10.08 9.02
CA GLY A 46 -34.25 11.33 9.35
C GLY A 46 -33.44 12.22 10.26
N LYS A 47 -32.44 11.67 10.95
CA LYS A 47 -31.57 12.47 11.81
C LYS A 47 -30.89 13.57 10.99
N LYS A 48 -30.55 14.66 11.69
CA LYS A 48 -29.72 15.72 11.15
C LYS A 48 -28.78 16.20 12.24
N PHE A 49 -27.75 16.94 11.85
CA PHE A 49 -26.81 17.48 12.81
C PHE A 49 -26.49 18.90 12.41
N ALA A 50 -25.91 19.65 13.34
CA ALA A 50 -25.64 21.06 13.11
C ALA A 50 -24.14 21.29 13.01
N THR A 51 -23.74 22.09 12.02
CA THR A 51 -22.43 22.70 11.96
C THR A 51 -22.52 24.14 12.44
N CYS A 52 -21.52 24.56 13.20
CA CYS A 52 -21.50 25.88 13.78
C CYS A 52 -20.22 26.61 13.37
N ASN A 53 -20.22 27.92 13.62
CA ASN A 53 -19.19 28.83 13.15
C ASN A 53 -18.16 29.04 14.24
N PRO A 54 -16.93 28.52 14.11
CA PRO A 54 -15.95 28.61 15.22
C PRO A 54 -15.61 30.03 15.63
N SER A 55 -15.74 31.00 14.73
CA SER A 55 -15.48 32.39 15.08
C SER A 55 -16.58 32.91 15.97
N THR A 56 -17.79 33.03 15.41
CA THR A 56 -18.97 33.56 16.08
C THR A 56 -19.79 32.37 16.53
N ARG A 57 -19.57 31.92 17.76
CA ARG A 57 -20.32 30.79 18.32
C ARG A 57 -21.74 31.05 17.81
N GLU A 58 -22.30 30.11 17.05
CA GLU A 58 -23.65 30.22 16.48
C GLU A 58 -23.79 29.20 15.36
N GLN A 59 -25.38 28.48 14.18
CA GLN A 59 -25.27 27.36 13.25
C GLN A 59 -25.21 27.88 11.82
N ILE A 60 -24.86 27.67 11.85
CA ILE A 60 -25.14 28.04 10.47
C ILE A 60 -26.42 27.36 9.97
N CYS A 61 -26.46 26.03 10.03
CA CYS A 61 -27.70 25.31 9.68
C CYS A 61 -27.52 23.86 10.10
N GLU A 62 -28.48 23.04 9.70
CA GLU A 62 -28.53 21.63 10.06
C GLU A 62 -28.38 20.80 8.79
N VAL A 63 -27.57 19.75 8.87
CA VAL A 63 -27.15 18.93 7.74
C VAL A 63 -27.72 17.53 7.89
N GLU A 64 -28.16 16.95 6.78
CA GLU A 64 -28.58 15.55 6.81
C GLU A 64 -27.49 14.71 7.45
N GLU A 65 -27.87 13.93 8.47
CA GLU A 65 -26.91 13.10 9.18
C GLU A 65 -27.01 11.69 8.62
N GLY A 66 -26.02 11.30 7.83
CA GLY A 66 -26.01 9.97 7.26
C GLY A 66 -25.52 8.91 8.23
N ASP A 67 -25.63 7.67 7.78
CA ASP A 67 -25.29 6.49 8.56
C ASP A 67 -25.19 5.33 7.60
N LYS A 68 -24.85 4.15 8.14
CA LYS A 68 -24.62 2.92 7.36
C LYS A 68 -25.56 2.80 6.17
N PRO A 69 -26.89 2.86 6.34
CA PRO A 69 -27.76 2.64 5.16
C PRO A 69 -27.52 3.68 4.07
N ASP A 70 -27.26 4.94 4.45
CA ASP A 70 -26.93 5.97 3.47
C ASP A 70 -25.69 5.60 2.66
N VAL A 71 -24.62 5.20 3.35
CA VAL A 71 -23.43 4.81 2.62
C VAL A 71 -23.71 3.54 1.81
N ASP A 72 -24.55 2.63 2.31
CA ASP A 72 -24.91 1.46 1.50
C ASP A 72 -25.53 1.90 0.18
N LYS A 73 -26.29 2.99 0.22
CA LYS A 73 -26.90 3.54 -0.99
C LYS A 73 -25.85 4.20 -1.88
N ALA A 74 -25.01 5.06 -1.28
CA ALA A 74 -23.96 5.73 -2.05
C ALA A 74 -23.05 4.70 -2.70
N VAL A 75 -22.64 3.67 -1.95
CA VAL A 75 -21.74 2.68 -2.54
C VAL A 75 -22.40 2.06 -3.76
N GLU A 76 -23.63 1.56 -3.61
CA GLU A 76 -24.31 0.97 -4.77
C GLU A 76 -24.37 1.95 -5.93
N ALA A 77 -24.68 3.21 -5.66
CA ALA A 77 -24.64 4.22 -6.72
C ALA A 77 -23.28 4.23 -7.40
N ALA A 78 -22.22 4.20 -6.60
CA ALA A 78 -20.88 4.29 -7.17
C ALA A 78 -20.51 3.02 -7.93
N GLN A 79 -20.98 1.86 -7.48
CA GLN A 79 -20.66 0.66 -8.24
C GLN A 79 -21.35 0.65 -9.59
N VAL A 80 -22.58 1.12 -9.63
CA VAL A 80 -23.33 1.09 -10.88
C VAL A 80 -22.70 2.04 -11.87
N ALA A 81 -22.21 3.20 -11.39
CA ALA A 81 -21.54 4.13 -12.29
C ALA A 81 -20.19 3.60 -12.75
N PHE A 82 -19.63 2.63 -12.05
CA PHE A 82 -18.36 2.05 -12.43
C PHE A 82 -18.51 0.81 -13.30
N GLN A 83 -19.73 0.27 -13.43
CA GLN A 83 -19.98 -0.90 -14.28
C GLN A 83 -19.44 -0.70 -15.70
N ARG A 84 -19.01 -1.79 -16.33
CA ARG A 84 -18.57 -1.66 -17.73
C ARG A 84 -19.78 -1.28 -18.55
N GLY A 85 -19.60 -0.36 -19.49
CA GLY A 85 -20.72 0.07 -20.33
C GLY A 85 -21.37 1.30 -19.76
N SER A 86 -20.89 1.77 -18.61
CA SER A 86 -21.43 3.01 -18.02
C SER A 86 -20.95 4.19 -18.81
N PRO A 87 -21.73 5.27 -18.82
CA PRO A 87 -21.32 6.47 -19.46
C PRO A 87 -19.97 6.89 -18.84
N TRP A 88 -19.74 6.61 -17.57
CA TRP A 88 -18.44 7.01 -17.03
C TRP A 88 -17.32 6.17 -17.63
N ARG A 89 -17.51 4.84 -17.65
CA ARG A 89 -16.41 3.97 -18.08
C ARG A 89 -16.12 4.11 -19.58
N ARG A 90 -17.14 4.44 -20.40
CA ARG A 90 -16.92 4.47 -21.85
C ARG A 90 -16.23 5.75 -22.30
N LEU A 91 -16.24 6.78 -21.45
CA LEU A 91 -15.67 8.06 -21.83
C LEU A 91 -14.23 7.92 -22.36
N ASP A 92 -13.89 8.83 -23.27
CA ASP A 92 -12.50 9.09 -23.65
C ASP A 92 -11.68 9.42 -22.42
N ALA A 93 -10.44 8.92 -22.40
CA ALA A 93 -9.49 9.45 -21.43
C ALA A 93 -9.48 10.97 -21.46
N LEU A 94 -9.46 11.57 -22.66
CA LEU A 94 -9.32 13.02 -22.74
C LEU A 94 -10.56 13.72 -22.20
N SER A 95 -11.74 13.17 -22.47
CA SER A 95 -12.98 13.79 -21.97
C SER A 95 -13.05 13.71 -20.45
N ARG A 96 -12.50 12.66 -19.88
CA ARG A 96 -12.39 12.58 -18.43
C ARG A 96 -11.62 13.78 -17.88
N GLY A 97 -10.60 14.21 -18.58
CA GLY A 97 -9.88 15.41 -18.12
C GLY A 97 -10.64 16.66 -18.48
N ARG A 98 -11.43 16.59 -19.54
CA ARG A 98 -12.25 17.74 -19.92
C ARG A 98 -13.14 18.03 -18.73
N LEU A 99 -13.87 17.01 -18.28
CA LEU A 99 -14.75 17.15 -17.13
C LEU A 99 -14.03 17.75 -15.93
N LEU A 100 -12.81 17.27 -15.65
CA LEU A 100 -12.07 17.85 -14.53
C LEU A 100 -11.71 19.31 -14.80
N HIS A 101 -11.46 19.67 -16.07
CA HIS A 101 -11.26 21.07 -16.38
C HIS A 101 -12.56 21.86 -16.20
N GLN A 102 -13.69 21.25 -16.56
CA GLN A 102 -15.00 21.86 -16.30
C GLN A 102 -15.14 22.18 -14.81
N LEU A 103 -14.89 21.19 -13.96
CA LEU A 103 -15.04 21.38 -12.52
C LEU A 103 -14.15 22.50 -12.00
N ALA A 104 -12.88 22.50 -12.40
CA ALA A 104 -12.00 23.59 -11.99
C ALA A 104 -12.53 24.92 -12.50
N ASP A 105 -13.05 24.96 -13.73
CA ASP A 105 -13.71 26.18 -14.21
C ASP A 105 -14.83 26.57 -13.26
N LEU A 106 -15.75 25.62 -13.03
CA LEU A 106 -16.85 25.88 -12.10
C LEU A 106 -16.33 26.30 -10.73
N VAL A 107 -15.26 25.69 -10.24
CA VAL A 107 -14.80 26.12 -8.93
C VAL A 107 -14.21 27.53 -9.01
N GLU A 108 -13.69 27.93 -10.17
CA GLU A 108 -13.15 29.28 -10.25
C GLU A 108 -14.25 30.32 -10.22
N ARG A 109 -15.25 30.19 -11.08
CA ARG A 109 -16.52 30.83 -10.78
C ARG A 109 -16.98 30.31 -9.42
N ASP A 110 -17.80 31.06 -8.70
CA ASP A 110 -18.19 30.63 -7.35
C ASP A 110 -16.99 30.43 -6.42
N ARG A 111 -15.78 30.85 -6.81
CA ARG A 111 -14.66 30.74 -5.89
C ARG A 111 -14.91 31.49 -4.59
N ALA A 112 -15.57 32.65 -4.68
CA ALA A 112 -15.85 33.43 -3.48
C ALA A 112 -16.88 32.74 -2.59
N THR A 113 -17.95 32.21 -3.22
CA THR A 113 -18.93 31.42 -2.47
C THR A 113 -18.26 30.35 -1.63
N LEU A 114 -17.37 29.56 -2.25
CA LEU A 114 -16.72 28.48 -1.52
C LEU A 114 -15.80 29.02 -0.45
N ALA A 115 -14.91 29.93 -0.82
CA ALA A 115 -14.03 30.51 0.19
C ALA A 115 -14.83 30.99 1.39
N ALA A 116 -16.05 31.46 1.15
CA ALA A 116 -16.86 31.99 2.23
C ALA A 116 -17.40 30.87 3.11
N LEU A 117 -18.10 29.91 2.50
CA LEU A 117 -18.49 28.71 3.23
C LEU A 117 -17.32 28.15 4.02
N GLU A 118 -16.14 28.07 3.42
CA GLU A 118 -14.97 27.47 4.12
C GLU A 118 -14.70 28.20 5.42
N THR A 119 -14.82 29.52 5.42
CA THR A 119 -14.53 30.28 6.64
C THR A 119 -15.65 30.18 7.66
N MET A 120 -16.90 30.26 7.21
CA MET A 120 -18.01 30.01 8.13
C MET A 120 -17.84 28.66 8.82
N ASP A 121 -17.39 27.63 8.07
CA ASP A 121 -17.24 26.29 8.65
C ASP A 121 -16.04 26.18 9.57
N THR A 122 -14.97 26.95 9.33
CA THR A 122 -13.70 26.70 9.99
C THR A 122 -13.11 27.89 10.74
N GLY A 123 -13.60 29.09 10.52
CA GLY A 123 -12.92 30.23 11.10
C GLY A 123 -11.61 30.59 10.44
N LYS A 124 -11.33 30.02 9.28
CA LYS A 124 -10.18 30.45 8.50
C LYS A 124 -10.40 31.90 8.07
N PRO A 125 -9.35 32.71 8.02
CA PRO A 125 -9.45 34.00 7.32
C PRO A 125 -10.03 33.81 5.92
N PHE A 126 -10.89 34.75 5.51
CA PHE A 126 -11.52 34.62 4.20
C PHE A 126 -10.48 34.74 3.08
N LEU A 127 -9.53 35.67 3.23
CA LEU A 127 -8.49 35.78 2.23
C LEU A 127 -7.66 34.50 2.17
N HIS A 128 -7.42 33.89 3.33
CA HIS A 128 -6.70 32.62 3.38
C HIS A 128 -7.44 31.54 2.61
N ALA A 129 -8.76 31.45 2.83
CA ALA A 129 -9.55 30.49 2.07
C ALA A 129 -9.53 30.80 0.59
N PHE A 130 -9.53 32.09 0.25
CA PHE A 130 -9.66 32.47 -1.14
C PHE A 130 -8.35 32.26 -1.90
N PHE A 131 -7.22 32.65 -1.32
CA PHE A 131 -5.98 32.59 -2.08
C PHE A 131 -5.12 31.37 -1.76
N ILE A 132 -5.47 30.59 -0.74
CA ILE A 132 -4.70 29.40 -0.44
C ILE A 132 -5.56 28.19 -0.77
N ASP A 133 -6.61 27.98 0.03
CA ASP A 133 -7.41 26.76 -0.05
C ASP A 133 -7.96 26.55 -1.45
N LEU A 134 -8.52 27.59 -2.05
CA LEU A 134 -9.16 27.42 -3.34
C LEU A 134 -8.20 27.54 -4.51
N GLU A 135 -7.12 28.32 -4.37
CA GLU A 135 -6.09 28.20 -5.39
C GLU A 135 -5.58 26.77 -5.44
N GLY A 136 -5.36 26.19 -4.26
CA GLY A 136 -4.94 24.80 -4.20
C GLY A 136 -5.90 23.87 -4.90
N CYS A 137 -7.20 23.97 -4.57
CA CYS A 137 -8.21 23.18 -5.26
C CYS A 137 -8.17 23.40 -6.77
N ILE A 138 -8.04 24.66 -7.20
CA ILE A 138 -8.14 24.94 -8.63
C ILE A 138 -6.93 24.38 -9.36
N ARG A 139 -5.73 24.55 -8.79
CA ARG A 139 -4.53 23.99 -9.41
C ARG A 139 -4.55 22.47 -9.37
N THR A 140 -4.98 21.89 -8.25
CA THR A 140 -4.96 20.44 -8.17
C THR A 140 -5.89 19.83 -9.20
N LEU A 141 -7.06 20.44 -9.40
CA LEU A 141 -8.01 19.88 -10.37
C LEU A 141 -7.45 19.96 -11.78
N ARG A 142 -6.87 21.11 -12.15
CA ARG A 142 -6.33 21.28 -13.51
C ARG A 142 -5.13 20.39 -13.75
N TYR A 143 -4.28 20.22 -12.72
CA TYR A 143 -3.10 19.38 -12.86
C TYR A 143 -3.47 17.96 -13.23
N PHE A 144 -4.39 17.37 -12.49
CA PHE A 144 -4.75 15.99 -12.77
C PHE A 144 -5.66 15.87 -13.97
N ALA A 145 -6.29 16.96 -14.42
CA ALA A 145 -6.94 16.91 -15.71
C ALA A 145 -5.92 16.58 -16.80
N GLY A 146 -4.74 17.19 -16.71
CA GLY A 146 -3.68 16.85 -17.64
C GLY A 146 -3.27 15.39 -17.61
N TRP A 147 -3.43 14.71 -16.48
CA TRP A 147 -2.88 13.37 -16.36
C TRP A 147 -3.78 12.30 -16.96
N ALA A 148 -5.08 12.58 -17.11
CA ALA A 148 -6.05 11.54 -17.46
C ALA A 148 -5.67 10.77 -18.73
N ASP A 149 -5.28 11.47 -19.81
CA ASP A 149 -4.91 10.75 -21.03
C ASP A 149 -3.42 10.47 -21.10
N LYS A 150 -2.72 10.53 -19.97
CA LYS A 150 -1.29 10.26 -19.92
C LYS A 150 -0.94 9.22 -18.87
N ILE A 151 -1.93 8.51 -18.34
CA ILE A 151 -1.76 7.36 -17.45
C ILE A 151 -1.30 6.18 -18.31
N GLN A 152 -0.04 5.77 -18.22
CA GLN A 152 0.45 4.78 -19.17
C GLN A 152 1.12 3.62 -18.46
N GLY A 153 0.83 2.40 -18.93
CA GLY A 153 1.49 1.21 -18.47
C GLY A 153 2.77 0.96 -19.26
N LYS A 154 3.18 -0.31 -19.28
CA LYS A 154 4.43 -0.69 -19.92
C LYS A 154 4.20 -1.83 -20.90
N THR A 155 5.02 -1.86 -21.96
CA THR A 155 5.19 -3.05 -22.78
C THR A 155 6.54 -3.66 -22.40
N ILE A 156 6.52 -4.91 -21.96
CA ILE A 156 7.61 -5.53 -21.22
C ILE A 156 8.28 -6.56 -22.12
N PRO A 157 9.59 -6.45 -22.33
CA PRO A 157 10.32 -7.49 -23.09
C PRO A 157 10.48 -8.78 -22.30
N THR A 158 10.22 -9.91 -22.97
CA THR A 158 10.25 -11.21 -22.31
C THR A 158 10.81 -12.50 -22.95
N ASP A 159 10.19 -12.92 -24.05
CA ASP A 159 10.66 -14.00 -24.91
C ASP A 159 10.25 -13.46 -26.29
N ASP A 160 10.80 -14.09 -27.32
CA ASP A 160 10.50 -13.62 -28.68
C ASP A 160 9.06 -13.88 -29.07
N ASN A 161 8.48 -14.99 -28.62
CA ASN A 161 7.16 -15.42 -29.05
C ASN A 161 6.06 -14.95 -28.11
N VAL A 162 6.37 -14.05 -27.17
CA VAL A 162 5.43 -13.61 -26.15
C VAL A 162 5.23 -12.10 -26.28
N VAL A 163 4.00 -11.66 -26.06
CA VAL A 163 3.67 -10.26 -25.95
C VAL A 163 3.16 -10.04 -24.54
N CYS A 164 3.85 -9.22 -23.76
CA CYS A 164 3.47 -9.01 -22.38
C CYS A 164 3.45 -7.52 -22.09
N PHE A 165 2.36 -7.04 -21.52
CA PHE A 165 2.21 -5.61 -21.26
C PHE A 165 1.35 -5.44 -20.02
N THR A 166 1.43 -4.24 -19.40
CA THR A 166 0.66 -3.92 -18.21
C THR A 166 -0.38 -2.85 -18.49
N ARG A 167 -1.50 -2.95 -17.79
CA ARG A 167 -2.53 -1.93 -17.85
C ARG A 167 -2.69 -1.35 -16.45
N HIS A 168 -2.82 -0.03 -16.37
CA HIS A 168 -3.04 0.68 -15.12
C HIS A 168 -4.52 1.01 -15.04
N GLU A 169 -5.30 0.01 -14.65
CA GLU A 169 -6.74 0.17 -14.63
C GLU A 169 -7.19 0.89 -13.37
N PRO A 170 -8.36 1.50 -13.40
CA PRO A 170 -8.87 2.15 -12.19
C PRO A 170 -9.21 1.11 -11.14
N ILE A 171 -9.14 1.51 -9.86
CA ILE A 171 -9.36 0.56 -8.78
C ILE A 171 -10.82 0.26 -8.59
N GLY A 172 -11.69 1.25 -8.81
CA GLY A 172 -13.12 1.09 -8.57
C GLY A 172 -13.69 2.17 -7.66
N VAL A 173 -14.49 1.74 -6.69
CA VAL A 173 -15.11 2.67 -5.74
C VAL A 173 -14.07 3.07 -4.68
N CYS A 174 -13.77 4.36 -4.59
CA CYS A 174 -12.82 4.88 -3.64
C CYS A 174 -13.54 5.74 -2.63
N GLY A 175 -13.14 5.62 -1.37
CA GLY A 175 -13.66 6.49 -0.32
C GLY A 175 -12.64 7.52 0.10
N ALA A 176 -13.10 8.77 0.21
CA ALA A 176 -12.32 9.86 0.77
C ALA A 176 -12.90 10.28 2.12
N ILE A 177 -12.04 10.34 3.12
CA ILE A 177 -12.42 10.76 4.47
C ILE A 177 -11.46 11.86 4.88
N THR A 178 -11.98 13.01 5.29
CA THR A 178 -11.21 14.24 5.41
C THR A 178 -11.36 14.88 6.77
N PRO A 179 -10.42 15.74 7.16
CA PRO A 179 -10.56 16.45 8.43
C PRO A 179 -11.26 17.79 8.29
N TRP A 180 -11.12 18.63 9.32
CA TRP A 180 -11.70 19.98 9.31
C TRP A 180 -10.70 21.07 9.01
N ASN A 181 -9.39 20.81 9.09
CA ASN A 181 -8.47 21.93 8.96
C ASN A 181 -8.45 22.48 7.55
N PHE A 182 -8.48 21.60 6.54
CA PHE A 182 -8.52 22.03 5.13
C PHE A 182 -9.57 21.22 4.40
N PRO A 183 -10.85 21.43 4.75
CA PRO A 183 -11.89 20.47 4.30
C PRO A 183 -11.94 20.29 2.80
N LEU A 184 -12.09 21.37 2.03
CA LEU A 184 -12.24 21.22 0.59
C LEU A 184 -10.94 20.79 -0.08
N LEU A 185 -9.81 21.37 0.32
CA LEU A 185 -8.53 21.01 -0.30
C LEU A 185 -8.22 19.52 -0.10
N MET A 186 -8.24 19.05 1.16
CA MET A 186 -7.96 17.63 1.39
C MET A 186 -8.95 16.75 0.64
N LEU A 187 -10.12 17.27 0.31
CA LEU A 187 -11.09 16.51 -0.46
C LEU A 187 -10.73 16.46 -1.95
N VAL A 188 -10.26 17.56 -2.51
CA VAL A 188 -9.96 17.49 -3.94
C VAL A 188 -8.57 16.88 -4.17
N TRP A 189 -7.72 16.83 -3.15
CA TRP A 189 -6.46 16.11 -3.28
C TRP A 189 -6.68 14.63 -3.57
N LYS A 190 -7.85 14.09 -3.18
CA LYS A 190 -8.24 12.71 -3.47
C LYS A 190 -9.08 12.61 -4.72
N LEU A 191 -10.06 13.49 -4.84
CA LEU A 191 -11.02 13.37 -5.92
C LEU A 191 -10.33 13.54 -7.25
N ALA A 192 -9.44 14.52 -7.36
CA ALA A 192 -8.81 14.81 -8.66
C ALA A 192 -8.03 13.62 -9.21
N PRO A 193 -7.01 13.08 -8.54
CA PRO A 193 -6.40 11.85 -9.07
C PRO A 193 -7.39 10.72 -9.24
N ALA A 194 -8.28 10.52 -8.27
CA ALA A 194 -9.19 9.37 -8.34
C ALA A 194 -10.06 9.43 -9.58
N LEU A 195 -10.56 10.63 -9.92
CA LEU A 195 -11.45 10.73 -11.08
C LEU A 195 -10.66 10.69 -12.37
N CYS A 196 -9.48 11.31 -12.39
CA CYS A 196 -8.73 11.30 -13.63
C CYS A 196 -8.37 9.86 -14.02
N CYS A 197 -8.17 8.99 -13.03
CA CYS A 197 -7.91 7.59 -13.29
C CYS A 197 -9.18 6.81 -13.58
N GLY A 198 -10.35 7.45 -13.54
CA GLY A 198 -11.60 6.76 -13.84
C GLY A 198 -12.26 5.98 -12.70
N ASN A 199 -12.01 6.35 -11.45
CA ASN A 199 -12.73 5.68 -10.37
C ASN A 199 -14.02 6.42 -10.07
N THR A 200 -14.82 5.84 -9.17
CA THR A 200 -15.96 6.50 -8.57
C THR A 200 -15.75 6.57 -7.07
N MET A 201 -16.54 7.40 -6.41
CA MET A 201 -16.16 7.88 -5.09
C MET A 201 -17.36 7.98 -4.16
N VAL A 202 -17.07 7.76 -2.88
CA VAL A 202 -17.99 8.10 -1.78
C VAL A 202 -17.18 8.99 -0.85
N LEU A 203 -17.56 10.26 -0.75
CA LEU A 203 -16.89 11.23 0.09
C LEU A 203 -17.62 11.40 1.42
N LYS A 204 -16.85 11.45 2.51
CA LYS A 204 -17.35 11.80 3.83
C LYS A 204 -16.52 12.91 4.44
N PRO A 205 -16.98 14.17 4.35
CA PRO A 205 -16.32 15.27 5.06
C PRO A 205 -16.37 15.08 6.56
N ALA A 206 -15.57 15.89 7.26
CA ALA A 206 -15.66 15.98 8.70
C ALA A 206 -17.08 16.37 9.10
N GLU A 207 -17.47 15.99 10.32
CA GLU A 207 -18.72 16.51 10.86
C GLU A 207 -18.65 18.03 11.01
N GLN A 208 -17.49 18.55 11.47
CA GLN A 208 -17.34 19.97 11.82
C GLN A 208 -17.49 20.89 10.63
N THR A 209 -17.24 20.37 9.44
CA THR A 209 -17.13 21.19 8.24
C THR A 209 -17.57 20.37 7.06
N PRO A 210 -18.90 20.30 6.81
CA PRO A 210 -19.36 19.54 5.65
C PRO A 210 -19.73 20.44 4.46
N LEU A 211 -19.63 21.76 4.66
CA LEU A 211 -20.40 22.64 3.77
C LEU A 211 -19.77 22.76 2.40
N THR A 212 -18.47 23.07 2.32
CA THR A 212 -17.86 23.16 1.00
C THR A 212 -18.01 21.85 0.23
N ALA A 213 -17.86 20.72 0.92
CA ALA A 213 -17.99 19.42 0.25
C ALA A 213 -19.34 19.29 -0.43
N LEU A 214 -20.42 19.63 0.27
CA LEU A 214 -21.75 19.52 -0.34
C LEU A 214 -21.89 20.50 -1.50
N TYR A 215 -21.31 21.71 -1.36
CA TYR A 215 -21.36 22.65 -2.46
C TYR A 215 -20.70 22.08 -3.71
N LEU A 216 -19.56 21.42 -3.54
CA LEU A 216 -18.85 20.85 -4.69
C LEU A 216 -19.73 19.87 -5.42
N GLY A 217 -20.62 19.20 -4.71
CA GLY A 217 -21.52 18.25 -5.36
C GLY A 217 -22.40 18.93 -6.39
N SER A 218 -22.91 20.12 -6.07
CA SER A 218 -23.66 20.86 -7.08
C SER A 218 -22.79 21.07 -8.31
N LEU A 219 -21.56 21.57 -8.10
CA LEU A 219 -20.62 21.79 -9.21
C LEU A 219 -20.32 20.51 -9.97
N ILE A 220 -20.17 19.38 -9.27
CA ILE A 220 -19.89 18.12 -9.94
C ILE A 220 -21.06 17.72 -10.84
N LYS A 221 -22.30 17.96 -10.39
CA LYS A 221 -23.46 17.70 -11.27
C LYS A 221 -23.47 18.67 -12.44
N GLU A 222 -23.32 19.97 -12.15
CA GLU A 222 -23.40 20.99 -13.19
C GLU A 222 -22.38 20.73 -14.29
N ALA A 223 -21.13 20.44 -13.93
CA ALA A 223 -20.10 20.23 -14.94
C ALA A 223 -20.35 19.00 -15.80
N GLY A 224 -21.27 18.12 -15.42
CA GLY A 224 -21.65 17.03 -16.30
C GLY A 224 -21.10 15.66 -15.94
N PHE A 225 -20.54 15.48 -14.76
CA PHE A 225 -20.13 14.14 -14.37
C PHE A 225 -21.36 13.24 -14.32
N PRO A 226 -21.33 12.04 -14.89
CA PRO A 226 -22.49 11.16 -14.85
C PRO A 226 -22.92 10.92 -13.41
N PRO A 227 -24.21 10.72 -13.17
CA PRO A 227 -24.67 10.36 -11.83
C PRO A 227 -23.90 9.16 -11.28
N GLY A 228 -23.63 9.20 -9.98
CA GLY A 228 -23.01 8.09 -9.30
C GLY A 228 -21.49 8.08 -9.31
N VAL A 229 -20.87 8.95 -10.09
CA VAL A 229 -19.40 8.99 -10.13
C VAL A 229 -18.86 9.53 -8.82
N VAL A 230 -19.53 10.51 -8.22
CA VAL A 230 -19.15 11.06 -6.93
C VAL A 230 -20.41 11.20 -6.08
N ASN A 231 -20.48 10.49 -4.97
CA ASN A 231 -21.53 10.65 -3.98
C ASN A 231 -20.91 11.13 -2.68
N ILE A 232 -21.70 11.84 -1.86
CA ILE A 232 -21.21 12.48 -0.63
C ILE A 232 -22.17 12.19 0.52
N VAL A 233 -21.65 11.62 1.62
CA VAL A 233 -22.46 11.29 2.79
C VAL A 233 -21.87 11.99 4.01
N PRO A 234 -22.39 13.17 4.36
CA PRO A 234 -21.93 13.83 5.59
C PRO A 234 -22.43 13.07 6.81
N GLY A 235 -21.72 13.25 7.92
CA GLY A 235 -21.98 12.48 9.11
C GLY A 235 -20.76 12.42 10.02
N PHE A 236 -20.90 11.61 11.07
CA PHE A 236 -19.86 11.45 12.07
C PHE A 236 -18.95 10.28 11.75
N GLY A 237 -17.80 10.27 12.41
CA GLY A 237 -16.75 9.32 12.13
C GLY A 237 -17.13 7.89 12.45
N PRO A 238 -17.39 7.63 13.72
CA PRO A 238 -17.77 6.26 14.13
C PRO A 238 -19.00 5.71 13.41
N THR A 239 -19.88 6.58 12.89
CA THR A 239 -21.05 6.11 12.11
C THR A 239 -20.68 5.98 10.63
N VAL A 240 -20.53 7.11 9.93
CA VAL A 240 -20.42 7.08 8.48
C VAL A 240 -19.02 6.65 8.05
N GLY A 241 -18.01 7.32 8.58
CA GLY A 241 -16.65 6.94 8.23
C GLY A 241 -16.38 5.47 8.46
N ALA A 242 -16.87 4.94 9.58
CA ALA A 242 -16.64 3.52 9.84
C ALA A 242 -17.51 2.66 8.93
N ALA A 243 -18.65 3.18 8.51
CA ALA A 243 -19.42 2.45 7.52
C ALA A 243 -18.65 2.33 6.21
N ILE A 244 -17.91 3.38 5.83
CA ILE A 244 -17.07 3.33 4.63
C ILE A 244 -15.90 2.39 4.86
N SER A 245 -15.14 2.62 5.93
CA SER A 245 -13.90 1.88 6.11
C SER A 245 -14.11 0.37 6.20
N SER A 246 -15.32 -0.09 6.46
CA SER A 246 -15.59 -1.52 6.55
C SER A 246 -16.40 -2.03 5.39
N HIS A 247 -16.78 -1.15 4.47
CA HIS A 247 -17.77 -1.55 3.50
C HIS A 247 -17.18 -2.60 2.57
N PRO A 248 -17.88 -3.71 2.33
CA PRO A 248 -17.29 -4.79 1.53
C PRO A 248 -17.24 -4.52 0.03
N GLN A 249 -17.83 -3.42 -0.48
CA GLN A 249 -17.75 -3.12 -1.92
C GLN A 249 -17.22 -1.72 -2.18
N ILE A 250 -16.40 -1.19 -1.27
CA ILE A 250 -15.49 -0.09 -1.55
C ILE A 250 -14.10 -0.69 -1.74
N ASN A 251 -13.42 -0.32 -2.82
CA ASN A 251 -12.17 -0.98 -3.14
C ASN A 251 -10.95 -0.25 -2.60
N LYS A 252 -11.09 1.02 -2.27
CA LYS A 252 -9.98 1.76 -1.71
C LYS A 252 -10.50 2.91 -0.85
N ILE A 253 -9.74 3.25 0.18
CA ILE A 253 -9.97 4.47 0.94
C ILE A 253 -8.74 5.36 0.87
N ALA A 254 -8.99 6.66 0.87
CA ALA A 254 -7.99 7.67 1.22
C ALA A 254 -8.49 8.43 2.44
N PHE A 255 -7.61 8.63 3.41
CA PHE A 255 -7.96 9.26 4.67
C PHE A 255 -6.89 10.28 5.04
N THR A 256 -7.32 11.48 5.41
CA THR A 256 -6.45 12.48 6.01
C THR A 256 -7.06 12.81 7.36
N GLY A 257 -6.31 12.63 8.45
CA GLY A 257 -6.91 12.89 9.75
C GLY A 257 -6.00 12.54 10.92
N SER A 258 -6.61 12.14 12.06
CA SER A 258 -5.68 11.85 13.15
C SER A 258 -4.95 10.52 12.92
N THR A 259 -3.77 10.40 13.53
CA THR A 259 -3.03 9.13 13.47
C THR A 259 -3.86 7.98 14.01
N GLU A 260 -4.51 8.19 15.16
CA GLU A 260 -5.24 7.11 15.78
C GLU A 260 -6.43 6.68 14.93
N VAL A 261 -7.20 7.64 14.40
CA VAL A 261 -8.30 7.25 13.52
C VAL A 261 -7.75 6.56 12.26
N GLY A 262 -6.60 7.02 11.76
CA GLY A 262 -5.97 6.34 10.65
C GLY A 262 -5.70 4.87 10.90
N LYS A 263 -5.19 4.53 12.10
CA LYS A 263 -5.03 3.13 12.46
C LYS A 263 -6.36 2.38 12.41
N LEU A 264 -7.42 2.96 12.99
CA LEU A 264 -8.70 2.25 12.98
C LEU A 264 -9.16 1.99 11.56
N VAL A 265 -9.11 3.03 10.71
CA VAL A 265 -9.51 2.88 9.31
C VAL A 265 -8.72 1.77 8.65
N LYS A 266 -7.41 1.73 8.89
CA LYS A 266 -6.63 0.68 8.25
C LYS A 266 -7.00 -0.69 8.81
N GLU A 267 -7.16 -0.80 10.14
CA GLU A 267 -7.64 -2.06 10.72
C GLU A 267 -9.00 -2.45 10.16
N ALA A 268 -9.90 -1.47 10.03
CA ALA A 268 -11.20 -1.74 9.43
C ALA A 268 -11.07 -2.32 8.03
N ALA A 269 -10.26 -1.68 7.21
CA ALA A 269 -10.01 -2.16 5.86
C ALA A 269 -9.48 -3.59 5.87
N SER A 270 -8.55 -3.88 6.77
CA SER A 270 -7.95 -5.22 6.81
C SER A 270 -8.98 -6.28 7.20
N ARG A 271 -9.75 -6.01 8.27
CA ARG A 271 -10.76 -6.97 8.72
C ARG A 271 -11.82 -7.26 7.66
N SER A 272 -12.15 -6.26 6.83
CA SER A 272 -13.25 -6.46 5.89
C SER A 272 -13.01 -7.08 4.51
N ASN A 273 -12.28 -6.38 3.64
CA ASN A 273 -12.19 -6.79 2.25
C ASN A 273 -10.81 -6.47 1.73
N LEU A 274 -9.90 -6.06 2.61
CA LEU A 274 -8.51 -5.79 2.22
C LEU A 274 -8.43 -4.66 1.21
N LYS A 275 -9.30 -3.67 1.37
CA LYS A 275 -9.28 -2.54 0.45
C LYS A 275 -7.96 -1.78 0.58
N ARG A 276 -7.57 -1.12 -0.51
CA ARG A 276 -6.32 -0.35 -0.56
C ARG A 276 -6.45 0.94 0.25
N VAL A 277 -5.48 1.24 1.11
CA VAL A 277 -5.57 2.36 2.03
C VAL A 277 -4.44 3.34 1.77
N THR A 278 -4.79 4.61 1.60
CA THR A 278 -3.84 5.73 1.65
C THR A 278 -4.08 6.52 2.94
N LEU A 279 -3.01 6.92 3.62
CA LEU A 279 -3.15 7.65 4.88
C LEU A 279 -2.26 8.89 4.90
N GLU A 280 -2.84 10.05 5.25
CA GLU A 280 -2.07 11.26 5.53
C GLU A 280 -2.42 11.69 6.95
N LEU A 281 -1.48 11.50 7.88
CA LEU A 281 -1.61 11.72 9.30
C LEU A 281 -0.75 12.92 9.73
N GLY A 282 -0.43 13.01 11.01
CA GLY A 282 0.30 14.13 11.56
C GLY A 282 1.81 13.94 11.58
N GLY A 283 2.48 14.77 12.39
CA GLY A 283 3.91 14.67 12.55
C GLY A 283 4.54 15.67 13.50
N LYS A 284 5.65 15.26 14.11
CA LYS A 284 6.49 16.16 14.90
C LYS A 284 7.52 16.78 13.95
N ASN A 285 7.04 17.73 13.14
CA ASN A 285 7.78 18.17 11.96
C ASN A 285 8.94 19.08 12.32
N PRO A 286 10.18 18.67 12.07
CA PRO A 286 11.34 19.47 12.48
C PRO A 286 11.67 20.61 11.53
N CYS A 287 12.31 21.63 12.12
CA CYS A 287 12.75 22.83 11.41
C CYS A 287 14.17 23.06 11.89
N ILE A 288 15.15 22.97 10.99
CA ILE A 288 16.57 22.98 11.36
C ILE A 288 17.22 24.26 10.83
N VAL A 289 17.72 25.09 11.74
CA VAL A 289 18.38 26.36 11.38
C VAL A 289 19.88 26.20 11.63
N CYS A 290 20.65 26.18 10.53
CA CYS A 290 22.11 26.17 10.52
C CYS A 290 22.66 27.57 10.77
N ALA A 291 23.89 27.62 11.28
CA ALA A 291 24.48 28.91 11.67
C ALA A 291 24.54 29.89 10.50
N ASP A 292 24.76 29.39 9.28
CA ASP A 292 24.91 30.24 8.11
C ASP A 292 23.59 30.61 7.46
N ALA A 293 22.48 30.44 8.15
CA ALA A 293 21.17 30.68 7.56
C ALA A 293 20.90 32.17 7.43
N ASP A 294 20.17 32.54 6.38
CA ASP A 294 19.47 33.81 6.37
C ASP A 294 18.63 33.62 7.63
N LEU A 295 18.78 34.51 8.60
CA LEU A 295 18.06 34.34 9.87
C LEU A 295 16.70 35.02 9.75
N ASP A 296 16.63 36.06 8.93
CA ASP A 296 15.34 36.71 8.81
C ASP A 296 14.37 35.85 7.99
N LEU A 297 14.86 35.11 7.00
CA LEU A 297 14.02 34.13 6.31
C LEU A 297 13.73 32.92 7.20
N ALA A 298 14.72 32.49 7.99
CA ALA A 298 14.51 31.36 8.87
C ALA A 298 13.42 31.65 9.89
N VAL A 299 13.57 32.74 10.66
CA VAL A 299 12.59 33.06 11.71
C VAL A 299 11.21 33.27 11.11
N GLU A 300 11.13 33.93 9.94
CA GLU A 300 9.83 34.24 9.36
C GLU A 300 9.13 32.99 8.86
N CYS A 301 9.87 32.12 8.17
CA CYS A 301 9.27 30.88 7.71
C CYS A 301 8.97 29.95 8.88
N ALA A 302 9.95 29.73 9.76
CA ALA A 302 9.72 28.91 10.95
C ALA A 302 8.59 29.46 11.81
N HIS A 303 8.33 30.76 11.72
CA HIS A 303 7.16 31.36 12.37
C HIS A 303 5.89 31.03 11.60
N GLN A 304 5.90 31.30 10.28
CA GLN A 304 4.77 30.89 9.45
C GLN A 304 4.60 29.37 9.48
N GLY A 305 5.66 28.63 9.78
CA GLY A 305 5.58 27.18 9.77
C GLY A 305 4.82 26.63 10.96
N VAL A 306 4.96 27.25 12.11
CA VAL A 306 4.23 26.76 13.27
C VAL A 306 2.89 27.48 13.44
N PHE A 307 2.83 28.80 13.24
CA PHE A 307 1.65 29.58 13.61
C PHE A 307 0.61 29.72 12.51
N PHE A 308 0.90 29.28 11.28
CA PHE A 308 -0.05 29.48 10.18
C PHE A 308 -1.27 28.58 10.33
N ASN A 309 -2.42 29.11 9.91
CA ASN A 309 -3.72 28.49 10.15
C ASN A 309 -3.85 28.10 11.62
N GLN A 310 -3.46 29.04 12.48
CA GLN A 310 -3.58 28.95 13.93
C GLN A 310 -2.88 27.74 14.54
N GLY A 311 -1.80 27.28 13.90
CA GLY A 311 -1.06 26.14 14.40
C GLY A 311 -1.69 24.80 14.12
N GLN A 312 -2.90 24.79 13.55
CA GLN A 312 -3.62 23.57 13.18
C GLN A 312 -3.32 23.27 11.72
N CYS A 313 -2.40 22.33 11.50
CA CYS A 313 -1.92 22.05 10.16
C CYS A 313 -1.08 20.79 10.23
N CYS A 314 -1.33 19.86 9.30
CA CYS A 314 -0.49 18.67 9.23
C CYS A 314 0.99 19.03 9.10
N THR A 315 1.30 20.12 8.39
CA THR A 315 2.68 20.58 8.19
C THR A 315 3.23 21.39 9.35
N ALA A 316 2.52 21.48 10.48
CA ALA A 316 2.90 22.40 11.53
C ALA A 316 4.30 22.09 12.05
N ALA A 317 5.08 23.15 12.27
CA ALA A 317 6.43 23.02 12.82
C ALA A 317 6.33 22.85 14.33
N SER A 318 6.68 21.67 14.82
CA SER A 318 6.61 21.39 16.24
C SER A 318 7.97 21.38 16.92
N ARG A 319 9.07 21.50 16.17
CA ARG A 319 10.40 21.34 16.74
C ARG A 319 11.38 22.19 15.94
N VAL A 320 11.84 23.30 16.51
CA VAL A 320 12.77 24.21 15.82
C VAL A 320 14.16 23.97 16.39
N PHE A 321 14.99 23.20 15.68
CA PHE A 321 16.39 23.05 16.05
C PHE A 321 17.22 24.22 15.49
N VAL A 322 18.09 24.79 16.33
CA VAL A 322 18.90 25.94 15.96
C VAL A 322 20.34 25.72 16.44
N GLU A 323 21.31 26.06 15.60
CA GLU A 323 22.70 25.86 15.96
C GLU A 323 23.12 26.92 16.99
N GLU A 324 24.05 26.51 17.88
CA GLU A 324 24.52 27.38 18.96
C GLU A 324 24.83 28.79 18.45
N GLN A 325 25.59 28.86 17.34
CA GLN A 325 26.11 30.12 16.83
C GLN A 325 25.04 31.20 16.68
N VAL A 326 23.78 30.81 16.44
CA VAL A 326 22.70 31.77 16.23
C VAL A 326 21.51 31.53 17.14
N TYR A 327 21.58 30.56 18.06
CA TYR A 327 20.46 30.23 18.94
C TYR A 327 19.82 31.43 19.62
N SER A 328 20.58 32.11 20.48
CA SER A 328 20.00 33.10 21.38
C SER A 328 19.41 34.28 20.61
N GLU A 329 20.09 34.68 19.55
CA GLU A 329 19.57 35.81 18.73
C GLU A 329 18.38 35.29 17.97
N PHE A 330 18.44 34.04 17.56
CA PHE A 330 17.29 33.47 16.87
C PHE A 330 16.05 33.55 17.75
N VAL A 331 16.18 33.15 19.02
CA VAL A 331 15.06 33.21 19.96
C VAL A 331 14.49 34.61 20.02
N ARG A 332 15.36 35.62 20.15
CA ARG A 332 14.91 37.00 20.17
C ARG A 332 14.05 37.33 18.96
N ARG A 333 14.63 37.20 17.76
CA ARG A 333 13.91 37.52 16.53
C ARG A 333 12.58 36.78 16.46
N SER A 334 12.58 35.51 16.88
CA SER A 334 11.36 34.73 16.95
C SER A 334 10.29 35.46 17.74
N VAL A 335 10.68 36.01 18.88
CA VAL A 335 9.69 36.56 19.80
C VAL A 335 9.09 37.86 19.24
N GLU A 336 9.93 38.74 18.69
CA GLU A 336 9.39 39.98 18.13
C GLU A 336 8.40 39.71 17.01
N TYR A 337 8.57 38.62 16.25
CA TYR A 337 7.64 38.32 15.16
C TYR A 337 6.27 37.92 15.68
N ALA A 338 6.24 37.11 16.74
CA ALA A 338 4.97 36.68 17.31
C ALA A 338 4.19 37.87 17.86
N LYS A 339 4.89 38.82 18.46
CA LYS A 339 4.27 40.01 19.03
C LYS A 339 3.39 40.71 18.02
N LYS A 340 3.94 41.01 16.85
CA LYS A 340 3.34 41.90 15.86
C LYS A 340 2.22 41.25 15.06
N ARG A 341 1.94 39.97 15.26
CA ARG A 341 1.04 39.27 14.36
C ARG A 341 -0.42 39.61 14.68
N PRO A 342 -1.17 40.17 13.74
CA PRO A 342 -2.58 40.50 14.02
C PRO A 342 -3.46 39.27 14.07
N VAL A 343 -4.38 39.27 15.02
CA VAL A 343 -5.35 38.20 15.20
C VAL A 343 -6.71 38.81 15.48
N GLY A 344 -7.75 38.26 14.83
CA GLY A 344 -9.10 38.76 15.05
C GLY A 344 -10.18 38.04 14.26
N ASP A 345 -11.20 38.81 13.87
CA ASP A 345 -12.36 38.26 13.18
C ASP A 345 -11.93 37.70 11.83
N PRO A 346 -12.51 36.57 11.40
CA PRO A 346 -12.03 35.95 10.13
C PRO A 346 -12.21 36.82 8.90
N PHE A 347 -13.35 37.49 8.78
CA PHE A 347 -13.66 38.28 7.59
C PHE A 347 -12.61 39.37 7.35
N ASP A 348 -11.86 39.72 8.39
CA ASP A 348 -10.86 40.83 8.34
C ASP A 348 -9.76 40.83 7.28
N VAL A 349 -9.66 41.92 6.50
CA VAL A 349 -8.59 42.06 5.52
C VAL A 349 -7.25 42.26 6.24
N LYS A 350 -7.32 42.53 7.54
CA LYS A 350 -6.14 42.61 8.40
C LYS A 350 -5.64 41.41 9.20
N THR A 351 -6.20 40.22 8.96
CA THR A 351 -5.96 39.04 9.77
C THR A 351 -4.83 38.17 9.20
N GLU A 352 -4.17 37.45 10.11
CA GLU A 352 -3.41 36.26 9.78
C GLU A 352 -3.99 35.04 10.47
N GLN A 353 -4.24 35.13 11.77
CA GLN A 353 -4.65 34.02 12.62
C GLN A 353 -6.09 34.22 13.08
N GLY A 354 -6.88 33.14 13.02
CA GLY A 354 -8.25 33.19 13.47
C GLY A 354 -8.48 32.37 14.73
N PRO A 355 -9.68 31.81 14.88
CA PRO A 355 -9.98 30.98 16.06
C PRO A 355 -9.68 29.51 15.82
N GLN A 356 -9.26 28.85 16.89
CA GLN A 356 -9.25 27.40 16.81
C GLN A 356 -10.69 26.90 16.83
N ILE A 357 -10.90 25.71 16.28
CA ILE A 357 -12.24 25.26 15.92
C ILE A 357 -12.98 24.56 17.05
N ASP A 358 -12.25 24.09 18.08
CA ASP A 358 -12.88 23.32 19.14
C ASP A 358 -12.05 23.38 20.41
N GLN A 359 -12.72 23.64 21.52
CA GLN A 359 -12.07 23.66 22.82
C GLN A 359 -11.78 22.26 23.35
N LYS A 360 -12.18 21.22 22.63
CA LYS A 360 -11.72 19.87 22.99
C LYS A 360 -10.21 19.88 23.24
N GLN A 361 -9.46 20.49 22.33
CA GLN A 361 -8.01 20.54 22.44
C GLN A 361 -7.46 21.89 22.88
N PHE A 362 -8.24 22.96 22.73
CA PHE A 362 -7.88 24.25 23.32
C PHE A 362 -7.36 24.08 24.75
N ASP A 363 -7.99 23.21 25.53
CA ASP A 363 -7.49 22.92 26.87
C ASP A 363 -6.20 22.12 26.82
N LYS A 364 -6.15 21.09 25.97
CA LYS A 364 -4.93 20.31 25.76
C LYS A 364 -3.74 21.21 25.46
N ILE A 365 -3.94 22.31 24.75
CA ILE A 365 -2.78 23.18 24.39
C ILE A 365 -2.10 23.83 25.58
N LEU A 366 -2.87 24.59 26.34
CA LEU A 366 -2.28 25.29 27.48
C LEU A 366 -2.04 24.30 28.61
N GLU A 367 -2.78 23.19 28.65
CA GLU A 367 -2.38 22.05 29.47
C GLU A 367 -0.93 21.67 29.19
N LEU A 368 -0.55 21.69 27.92
CA LEU A 368 0.79 21.38 27.47
C LEU A 368 1.68 22.61 27.42
N ILE A 369 1.22 23.77 27.86
CA ILE A 369 2.12 24.92 27.97
C ILE A 369 2.74 24.98 29.36
N GLU A 370 2.01 24.56 30.40
CA GLU A 370 2.64 24.33 31.68
C GLU A 370 3.47 23.06 31.67
N SER A 371 3.21 22.15 30.74
CA SER A 371 4.09 21.02 30.49
C SER A 371 5.56 21.40 30.54
N GLY A 372 5.91 22.46 29.81
CA GLY A 372 7.29 22.86 29.65
C GLY A 372 7.77 23.87 30.65
N LYS A 373 6.97 24.22 31.64
CA LYS A 373 7.50 24.93 32.79
C LYS A 373 7.90 23.97 33.90
N LYS A 374 7.26 22.81 33.98
CA LYS A 374 7.64 21.84 35.01
C LYS A 374 9.01 21.24 34.70
N GLU A 375 9.15 20.64 33.53
CA GLU A 375 10.47 20.52 32.93
C GLU A 375 10.89 21.93 32.47
N GLY A 376 12.18 22.22 32.48
CA GLY A 376 12.55 23.62 32.45
C GLY A 376 12.68 24.31 31.10
N ALA A 377 11.81 25.27 30.78
CA ALA A 377 11.87 26.01 29.51
C ALA A 377 11.53 27.48 29.72
N LYS A 378 12.44 28.35 29.33
CA LYS A 378 12.20 29.78 29.49
C LYS A 378 11.10 30.22 28.51
N LEU A 379 9.95 30.61 29.03
CA LEU A 379 8.85 31.09 28.18
C LEU A 379 9.02 32.58 27.96
N GLU A 380 9.74 32.90 26.91
CA GLU A 380 9.98 34.33 26.64
C GLU A 380 8.72 34.94 26.06
N CYS A 381 7.70 34.14 25.78
CA CYS A 381 6.55 34.75 25.10
C CYS A 381 5.22 34.12 25.48
N GLY A 382 4.15 34.91 25.47
CA GLY A 382 2.76 34.44 25.65
C GLY A 382 2.62 33.50 26.83
N GLY A 383 2.00 32.35 26.58
CA GLY A 383 1.84 31.32 27.63
C GLY A 383 0.41 31.09 28.10
N SER A 384 -0.58 31.80 27.55
CA SER A 384 -1.99 31.57 27.97
C SER A 384 -2.95 32.10 26.92
N ALA A 385 -4.24 31.89 27.15
CA ALA A 385 -5.31 32.31 26.28
C ALA A 385 -5.53 33.81 26.33
N MET A 386 -6.27 34.31 25.33
CA MET A 386 -6.71 35.69 25.34
C MET A 386 -8.22 35.77 25.49
N PHE A 392 -9.64 32.10 20.54
CA PHE A 392 -8.29 32.58 20.21
C PHE A 392 -7.29 32.23 21.32
N ILE A 393 -6.00 32.48 21.08
CA ILE A 393 -4.94 32.26 22.06
C ILE A 393 -3.67 33.01 21.64
N LYS A 394 -2.93 33.48 22.63
CA LYS A 394 -1.74 34.31 22.38
C LYS A 394 -0.61 33.48 21.78
N PRO A 395 0.05 33.98 20.72
CA PRO A 395 1.22 33.26 20.17
C PRO A 395 2.30 33.10 21.23
N THR A 396 2.71 31.85 21.43
CA THR A 396 3.61 31.48 22.51
C THR A 396 4.93 30.97 21.94
N VAL A 397 6.04 31.29 22.62
CA VAL A 397 7.37 30.88 22.20
C VAL A 397 8.15 30.35 23.40
N PHE A 398 8.73 29.17 23.25
CA PHE A 398 9.53 28.57 24.31
C PHE A 398 11.02 28.72 24.00
N SER A 399 11.84 28.41 25.00
CA SER A 399 13.28 28.42 24.82
C SER A 399 13.89 27.39 25.76
N GLU A 400 15.21 27.20 25.60
CA GLU A 400 16.00 26.18 26.27
C GLU A 400 15.23 24.86 26.44
N VAL A 401 14.46 24.50 25.41
CA VAL A 401 13.77 23.21 25.35
C VAL A 401 14.76 22.10 25.08
N THR A 402 14.51 20.92 25.65
CA THR A 402 15.30 19.73 25.38
C THR A 402 14.43 18.63 24.82
N ASP A 403 15.08 17.54 24.40
CA ASP A 403 14.37 16.48 23.68
C ASP A 403 13.31 15.82 24.57
N ASN A 404 13.68 15.52 25.83
CA ASN A 404 12.82 14.73 26.71
C ASN A 404 11.50 15.44 27.04
N MET A 405 11.51 16.77 27.08
CA MET A 405 10.32 17.53 27.49
C MET A 405 9.14 17.22 26.58
N ARG A 406 7.93 17.32 27.14
CA ARG A 406 6.77 16.86 26.38
C ARG A 406 6.46 17.82 25.24
N ILE A 407 6.78 19.11 25.41
CA ILE A 407 6.58 20.08 24.34
C ILE A 407 7.39 19.73 23.09
N ALA A 408 8.39 18.87 23.22
CA ALA A 408 9.20 18.41 22.10
C ALA A 408 8.93 16.94 21.79
N LYS A 409 7.85 16.40 22.34
CA LYS A 409 7.55 14.97 22.33
C LYS A 409 6.27 14.64 21.56
N GLU A 410 5.17 15.30 21.92
CA GLU A 410 3.86 15.09 21.33
C GLU A 410 3.45 16.33 20.55
N GLU A 411 2.75 16.15 19.43
CA GLU A 411 2.39 17.27 18.57
C GLU A 411 1.32 18.13 19.22
N ILE A 412 1.37 19.43 18.92
CA ILE A 412 0.61 20.39 19.70
C ILE A 412 -0.76 20.66 19.11
N PHE A 413 -0.86 20.82 17.78
CA PHE A 413 -2.09 21.23 17.11
C PHE A 413 -2.45 22.67 17.45
N GLY A 414 -1.45 23.51 17.75
CA GLY A 414 -1.69 24.88 18.15
C GLY A 414 -0.43 25.74 18.23
N PRO A 415 -0.60 27.05 18.43
CA PRO A 415 0.52 27.99 18.30
C PRO A 415 1.52 27.96 19.45
N VAL A 416 2.47 27.04 19.42
CA VAL A 416 3.60 27.03 20.34
C VAL A 416 4.87 26.64 19.59
N GLN A 417 5.96 27.37 19.86
CA GLN A 417 7.22 27.25 19.13
C GLN A 417 8.30 26.74 20.08
N PRO A 418 8.47 25.42 20.22
CA PRO A 418 9.55 24.88 21.06
C PRO A 418 10.90 24.89 20.37
N ILE A 419 11.82 25.72 20.86
CA ILE A 419 13.10 25.96 20.21
C ILE A 419 14.21 25.23 20.95
N LEU A 420 14.95 24.38 20.23
CA LEU A 420 16.00 23.55 20.78
C LEU A 420 17.36 23.96 20.22
N LYS A 421 18.44 23.43 20.81
CA LYS A 421 19.80 23.80 20.47
C LYS A 421 20.57 22.57 20.01
N PHE A 422 21.33 22.72 18.92
CA PHE A 422 22.16 21.62 18.47
C PHE A 422 23.54 22.12 18.07
N LYS A 423 24.51 21.21 18.21
CA LYS A 423 25.92 21.45 17.98
C LYS A 423 26.30 21.07 16.55
N SER A 424 25.99 19.83 16.16
CA SER A 424 26.54 19.19 14.99
C SER A 424 25.45 18.85 13.98
N ILE A 425 25.88 18.72 12.72
CA ILE A 425 24.98 18.23 11.67
C ILE A 425 24.55 16.80 11.95
N GLU A 426 25.53 15.92 12.23
CA GLU A 426 25.16 14.55 12.58
C GLU A 426 24.23 14.51 13.77
N GLU A 427 24.48 15.37 14.77
CA GLU A 427 23.65 15.40 15.97
C GLU A 427 22.19 15.65 15.63
N VAL A 428 21.90 16.80 15.00
CA VAL A 428 20.51 17.16 14.75
C VAL A 428 19.83 16.16 13.83
N ILE A 429 20.61 15.43 13.01
CA ILE A 429 20.04 14.42 12.12
C ILE A 429 19.43 13.28 12.93
N LYS A 430 20.15 12.80 13.94
CA LYS A 430 19.58 11.75 14.79
C LYS A 430 18.46 12.31 15.66
N ARG A 431 18.59 13.55 16.11
CA ARG A 431 17.55 14.10 16.96
C ARG A 431 16.27 14.36 16.18
N ALA A 432 16.39 14.83 14.94
CA ALA A 432 15.21 15.02 14.10
C ALA A 432 14.52 13.69 13.79
N ASN A 433 15.31 12.66 13.50
CA ASN A 433 14.78 11.38 13.06
C ASN A 433 14.32 10.49 14.20
N SER A 434 14.52 10.89 15.46
CA SER A 434 14.15 10.08 16.62
C SER A 434 12.65 10.02 16.87
N THR A 435 11.80 10.58 16.01
CA THR A 435 10.36 10.47 16.13
C THR A 435 9.87 9.23 15.38
N ASP A 436 8.68 8.78 15.73
CA ASP A 436 7.93 7.78 14.97
C ASP A 436 7.24 8.38 13.76
N TYR A 437 7.38 9.68 13.55
CA TYR A 437 6.70 10.29 12.39
C TYR A 437 7.74 10.80 11.41
N GLY A 438 7.27 11.54 10.40
CA GLY A 438 8.16 12.11 9.39
C GLY A 438 7.39 12.69 8.23
N LEU A 439 6.43 13.55 8.48
CA LEU A 439 5.66 14.16 7.38
C LEU A 439 6.55 15.15 6.63
N THR A 440 6.88 16.26 7.27
CA THR A 440 7.74 17.25 6.62
C THR A 440 8.95 17.58 7.49
N ALA A 441 9.84 18.37 6.89
CA ALA A 441 11.02 18.90 7.52
C ALA A 441 11.47 20.08 6.67
N ALA A 442 12.03 21.08 7.34
CA ALA A 442 12.50 22.29 6.69
C ALA A 442 13.88 22.65 7.19
N VAL A 443 14.75 23.04 6.28
CA VAL A 443 16.15 23.30 6.58
C VAL A 443 16.48 24.70 6.07
N PHE A 444 17.29 25.42 6.83
CA PHE A 444 17.72 26.75 6.44
C PHE A 444 19.24 26.83 6.53
N THR A 445 19.85 27.14 5.39
CA THR A 445 21.29 27.28 5.26
C THR A 445 21.58 27.79 3.86
N LYS A 446 22.68 28.51 3.70
CA LYS A 446 23.14 28.87 2.38
C LYS A 446 24.19 27.88 1.88
N ASN A 447 24.55 26.91 2.72
CA ASN A 447 25.62 25.98 2.39
C ASN A 447 25.11 24.85 1.50
N LEU A 448 25.78 24.64 0.36
CA LEU A 448 25.33 23.62 -0.58
C LEU A 448 25.45 22.23 0.02
N ASP A 449 26.59 21.92 0.63
CA ASP A 449 26.77 20.60 1.22
C ASP A 449 25.87 20.41 2.43
N LYS A 450 25.59 21.46 3.19
CA LYS A 450 24.73 21.29 4.35
C LYS A 450 23.29 21.05 3.92
N ALA A 451 22.83 21.78 2.91
CA ALA A 451 21.49 21.57 2.36
C ALA A 451 21.30 20.12 1.91
N LEU A 452 22.21 19.62 1.06
CA LEU A 452 22.02 18.31 0.43
C LEU A 452 22.22 17.17 1.42
N LYS A 453 23.23 17.25 2.29
CA LYS A 453 23.40 16.15 3.24
C LYS A 453 22.20 16.07 4.17
N LEU A 454 21.69 17.21 4.62
CA LEU A 454 20.50 17.19 5.46
C LEU A 454 19.31 16.60 4.70
N ALA A 455 19.07 17.09 3.49
CA ALA A 455 17.99 16.58 2.65
C ALA A 455 18.02 15.06 2.53
N SER A 456 19.17 14.49 2.15
CA SER A 456 19.26 13.04 2.07
C SER A 456 18.98 12.38 3.41
N ALA A 457 19.45 13.00 4.50
CA ALA A 457 19.50 12.29 5.78
C ALA A 457 18.20 12.37 6.59
N LEU A 458 17.39 13.39 6.38
CA LEU A 458 16.16 13.53 7.15
C LEU A 458 15.13 12.52 6.66
N GLU A 459 14.50 11.81 7.60
CA GLU A 459 13.46 10.84 7.24
C GLU A 459 12.10 11.56 7.26
N SER A 460 11.83 12.29 6.16
CA SER A 460 10.59 13.03 5.98
C SER A 460 10.13 12.95 4.53
N GLY A 461 8.82 12.97 4.33
CA GLY A 461 8.30 12.85 2.99
C GLY A 461 8.54 14.08 2.15
N THR A 462 8.57 15.25 2.78
CA THR A 462 8.94 16.50 2.15
C THR A 462 10.02 17.16 2.99
N VAL A 463 11.06 17.66 2.32
CA VAL A 463 12.16 18.40 2.94
C VAL A 463 12.26 19.74 2.21
N TRP A 464 11.74 20.79 2.82
CA TRP A 464 11.89 22.13 2.23
C TRP A 464 13.23 22.74 2.63
N ILE A 465 13.81 23.51 1.72
CA ILE A 465 15.08 24.18 1.97
C ILE A 465 14.87 25.67 1.72
N ASN A 466 15.11 26.48 2.75
CA ASN A 466 14.92 27.93 2.69
C ASN A 466 13.51 28.30 2.22
N CYS A 467 12.52 27.47 2.57
CA CYS A 467 11.12 27.84 2.43
C CYS A 467 10.30 26.94 3.35
N TYR A 468 9.00 27.23 3.45
CA TYR A 468 8.06 26.42 4.22
C TYR A 468 6.68 26.44 3.54
N ASN A 469 5.96 25.32 3.67
CA ASN A 469 4.61 25.14 3.10
C ASN A 469 4.59 25.44 1.61
N ALA A 470 5.68 25.07 0.95
CA ALA A 470 5.80 25.18 -0.50
C ALA A 470 5.30 23.89 -1.13
N LEU A 471 3.99 23.85 -1.41
CA LEU A 471 3.38 22.67 -2.02
C LEU A 471 2.94 22.98 -3.44
N TYR A 472 3.07 21.98 -4.29
CA TYR A 472 2.75 22.13 -5.70
C TYR A 472 1.94 20.93 -6.11
N ALA A 473 0.88 21.16 -6.89
CA ALA A 473 0.10 20.03 -7.35
C ALA A 473 1.00 18.97 -7.99
N GLN A 474 2.15 19.38 -8.56
CA GLN A 474 3.02 18.46 -9.27
C GLN A 474 4.08 17.83 -8.39
N ALA A 475 4.17 18.19 -7.12
CA ALA A 475 5.15 17.57 -6.22
C ALA A 475 4.44 16.70 -5.19
N PRO A 476 4.84 15.43 -5.06
CA PRO A 476 4.10 14.51 -4.18
C PRO A 476 4.26 14.87 -2.72
N PHE A 477 3.23 14.52 -1.94
CA PHE A 477 3.16 14.87 -0.52
C PHE A 477 2.70 13.66 0.28
N GLY A 478 3.34 13.45 1.43
CA GLY A 478 2.98 12.31 2.25
C GLY A 478 4.02 12.11 3.32
N GLY A 479 3.70 11.21 4.23
CA GLY A 479 4.53 10.97 5.42
C GLY A 479 5.34 9.69 5.29
N PHE A 480 6.56 9.75 5.84
CA PHE A 480 7.34 8.59 6.25
C PHE A 480 6.78 8.03 7.55
N LYS A 481 7.17 6.80 7.86
CA LYS A 481 6.91 6.20 9.19
C LYS A 481 5.44 6.37 9.53
N MET A 482 5.08 6.78 10.75
CA MET A 482 3.67 6.76 11.14
C MET A 482 2.93 8.01 10.73
N SER A 483 3.50 8.80 9.82
CA SER A 483 2.83 9.97 9.29
C SER A 483 1.96 9.65 8.08
N GLY A 484 1.89 8.40 7.65
CA GLY A 484 1.03 8.03 6.53
C GLY A 484 1.62 6.94 5.65
N ASN A 485 0.76 6.45 4.74
CA ASN A 485 1.11 5.52 3.66
C ASN A 485 0.75 6.16 2.34
N GLY A 486 1.66 6.10 1.37
CA GLY A 486 1.33 6.53 0.02
C GLY A 486 1.52 8.01 -0.15
N ARG A 487 1.19 8.52 -1.34
CA ARG A 487 1.38 9.95 -1.56
C ARG A 487 0.17 10.54 -2.25
N GLU A 488 -0.02 11.80 -1.93
CA GLU A 488 -0.94 12.63 -2.70
C GLU A 488 -0.07 13.61 -3.47
N LEU A 489 -0.72 14.26 -4.39
CA LEU A 489 -0.25 15.33 -5.28
C LEU A 489 0.68 15.25 -6.48
N GLY A 490 0.97 14.16 -7.18
CA GLY A 490 2.13 14.32 -8.09
C GLY A 490 1.81 13.14 -8.98
N GLU A 491 2.71 12.79 -9.88
CA GLU A 491 2.39 11.56 -10.59
C GLU A 491 2.27 10.39 -9.62
N TYR A 492 2.96 10.46 -8.48
CA TYR A 492 2.89 9.34 -7.55
C TYR A 492 1.48 9.16 -7.03
N ALA A 493 0.70 10.25 -7.00
CA ALA A 493 -0.72 10.14 -6.63
C ALA A 493 -1.43 9.07 -7.44
N LEU A 494 -1.21 9.06 -8.76
CA LEU A 494 -1.88 8.10 -9.63
C LEU A 494 -1.70 6.64 -9.17
N ALA A 495 -0.60 6.31 -8.49
CA ALA A 495 -0.38 4.93 -8.11
C ALA A 495 -1.44 4.46 -7.15
N GLU A 496 -1.86 5.33 -6.23
CA GLU A 496 -2.87 4.94 -5.28
C GLU A 496 -4.21 4.74 -5.93
N TYR A 497 -4.42 5.23 -7.15
CA TYR A 497 -5.73 5.14 -7.75
C TYR A 497 -5.76 4.22 -8.97
N THR A 498 -4.83 3.26 -9.04
CA THR A 498 -4.81 2.36 -10.18
C THR A 498 -4.36 1.00 -9.70
N GLU A 499 -4.85 -0.04 -10.38
CA GLU A 499 -4.50 -1.43 -10.09
C GLU A 499 -3.80 -1.97 -11.30
N VAL A 500 -2.59 -2.47 -11.10
CA VAL A 500 -1.77 -2.92 -12.21
C VAL A 500 -2.25 -4.30 -12.65
N LYS A 501 -2.61 -4.40 -13.93
CA LYS A 501 -2.91 -5.68 -14.56
C LYS A 501 -1.81 -6.06 -15.55
N THR A 502 -1.36 -7.30 -15.43
CA THR A 502 -0.43 -7.91 -16.37
C THR A 502 -1.21 -8.76 -17.38
N VAL A 503 -1.06 -8.44 -18.66
CA VAL A 503 -1.53 -9.27 -19.78
C VAL A 503 -0.32 -9.91 -20.44
N THR A 504 -0.33 -11.23 -20.58
CA THR A 504 0.79 -11.98 -21.14
C THR A 504 0.25 -12.92 -22.21
N ILE A 505 0.71 -12.74 -23.45
CA ILE A 505 0.17 -13.44 -24.61
C ILE A 505 1.28 -14.25 -25.28
N LYS A 506 1.10 -15.57 -25.36
CA LYS A 506 2.00 -16.45 -26.07
C LYS A 506 1.48 -16.74 -27.47
N LEU A 507 2.36 -16.63 -28.45
CA LEU A 507 2.03 -16.87 -29.84
C LEU A 507 2.43 -18.29 -30.24
N GLY A 508 1.82 -18.78 -31.31
CA GLY A 508 2.12 -20.11 -31.85
C GLY A 508 3.34 -20.09 -32.76
N LEU B 27 21.54 -36.73 1.11
CA LEU B 27 21.71 -35.33 1.50
C LEU B 27 21.57 -35.15 3.01
N GLU B 28 22.57 -34.54 3.64
CA GLU B 28 22.51 -34.20 5.06
C GLU B 28 22.31 -32.69 5.23
N VAL B 29 21.37 -32.32 6.10
CA VAL B 29 21.00 -30.91 6.28
C VAL B 29 22.07 -30.23 7.12
N LYS B 30 22.85 -29.36 6.50
CA LYS B 30 23.89 -28.64 7.22
C LYS B 30 23.32 -27.55 8.11
N PHE B 31 22.25 -26.91 7.65
CA PHE B 31 21.79 -25.69 8.35
C PHE B 31 20.47 -25.84 9.06
N THR B 32 20.52 -25.61 10.37
CA THR B 32 19.34 -25.65 11.24
C THR B 32 19.50 -24.60 12.34
N LYS B 33 19.72 -23.33 12.04
CA LYS B 33 19.78 -22.39 13.19
C LYS B 33 19.21 -21.03 12.78
N ILE B 34 19.00 -20.14 13.75
CA ILE B 34 18.52 -18.76 13.51
C ILE B 34 19.70 -17.97 12.94
N PHE B 35 19.49 -17.27 11.84
CA PHE B 35 20.55 -16.54 11.13
C PHE B 35 20.44 -15.06 11.46
N ILE B 36 21.33 -14.57 12.32
CA ILE B 36 21.37 -13.16 12.70
C ILE B 36 22.80 -12.67 12.62
N ASN B 37 22.98 -11.48 12.04
CA ASN B 37 24.30 -10.85 11.87
C ASN B 37 25.31 -11.83 11.27
N ASN B 38 24.85 -12.62 10.30
CA ASN B 38 25.67 -13.61 9.61
C ASN B 38 26.21 -14.67 10.54
N GLU B 39 25.58 -14.85 11.70
CA GLU B 39 25.97 -15.86 12.68
C GLU B 39 24.79 -16.78 12.94
N TRP B 40 25.08 -17.99 13.39
CA TRP B 40 24.05 -18.98 13.65
C TRP B 40 23.81 -19.07 15.14
N HIS B 41 22.55 -19.01 15.54
CA HIS B 41 22.19 -18.91 16.96
C HIS B 41 21.15 -19.95 17.30
N GLU B 42 21.35 -20.60 18.44
CA GLU B 42 20.29 -21.45 18.97
C GLU B 42 19.17 -20.55 19.46
N SER B 43 17.93 -21.03 19.31
CA SER B 43 16.76 -20.28 19.78
C SER B 43 16.92 -19.90 21.24
N LYS B 44 16.60 -18.65 21.55
CA LYS B 44 16.76 -18.16 22.91
C LYS B 44 16.03 -19.05 23.92
N SER B 45 14.88 -19.62 23.52
CA SER B 45 14.20 -20.56 24.42
C SER B 45 14.94 -21.88 24.53
N GLY B 46 15.71 -22.25 23.52
CA GLY B 46 16.23 -23.58 23.42
C GLY B 46 15.31 -24.58 22.74
N LYS B 47 14.01 -24.28 22.66
CA LYS B 47 13.11 -25.16 21.95
C LYS B 47 13.58 -25.39 20.52
N LYS B 48 13.08 -26.47 19.92
CA LYS B 48 13.27 -26.77 18.52
C LYS B 48 11.98 -27.40 18.01
N PHE B 49 11.80 -27.39 16.70
CA PHE B 49 10.69 -28.05 16.04
C PHE B 49 11.23 -28.85 14.87
N ALA B 50 10.42 -29.78 14.38
CA ALA B 50 10.85 -30.70 13.33
C ALA B 50 10.15 -30.41 12.01
N THR B 51 10.87 -30.62 10.91
CA THR B 51 10.31 -30.56 9.57
C THR B 51 10.30 -31.95 8.97
N CYS B 52 9.18 -32.31 8.34
CA CYS B 52 8.96 -33.67 7.89
C CYS B 52 8.87 -33.73 6.37
N ASN B 53 9.16 -34.91 5.83
CA ASN B 53 9.18 -35.15 4.39
C ASN B 53 7.84 -35.70 3.97
N PRO B 54 7.10 -35.05 3.06
CA PRO B 54 5.74 -35.53 2.77
C PRO B 54 5.69 -36.85 2.03
N SER B 55 6.74 -37.19 1.27
CA SER B 55 6.76 -38.51 0.64
C SER B 55 7.23 -39.58 1.62
N THR B 56 8.44 -39.43 2.18
CA THR B 56 8.93 -40.42 3.13
C THR B 56 8.08 -40.45 4.41
N ARG B 57 7.31 -39.40 4.66
CA ARG B 57 6.52 -39.25 5.90
C ARG B 57 7.40 -39.41 7.14
N GLU B 58 8.64 -38.88 7.06
CA GLU B 58 9.64 -39.03 8.10
C GLU B 58 10.24 -37.67 8.44
N GLN B 59 11.02 -37.65 9.52
CA GLN B 59 11.56 -36.40 10.04
C GLN B 59 12.91 -36.11 9.41
N ILE B 60 13.01 -35.00 8.68
CA ILE B 60 14.32 -34.59 8.16
C ILE B 60 15.25 -34.23 9.31
N CYS B 61 14.86 -33.26 10.11
CA CYS B 61 15.72 -32.78 11.19
C CYS B 61 14.93 -31.83 12.08
N GLU B 62 15.62 -31.29 13.08
CA GLU B 62 15.11 -30.32 14.05
C GLU B 62 15.81 -28.98 13.84
N VAL B 63 15.04 -27.90 13.74
CA VAL B 63 15.65 -26.58 13.66
C VAL B 63 15.09 -25.71 14.78
N GLU B 64 15.88 -24.70 15.16
CA GLU B 64 15.55 -23.81 16.26
C GLU B 64 14.19 -23.16 16.06
N GLU B 65 13.34 -23.24 17.09
CA GLU B 65 12.03 -22.61 17.09
C GLU B 65 12.17 -21.22 17.68
N GLY B 66 12.04 -20.19 16.84
CA GLY B 66 12.17 -18.83 17.33
C GLY B 66 10.91 -18.32 18.00
N ASP B 67 11.08 -17.23 18.74
CA ASP B 67 9.94 -16.54 19.34
C ASP B 67 10.22 -15.05 19.32
N LYS B 68 9.30 -14.29 19.92
CA LYS B 68 9.45 -12.85 20.00
C LYS B 68 10.87 -12.43 20.38
N PRO B 69 11.48 -12.96 21.46
CA PRO B 69 12.86 -12.54 21.79
C PRO B 69 13.81 -12.74 20.63
N ASP B 70 13.70 -13.84 19.89
CA ASP B 70 14.58 -14.04 18.74
C ASP B 70 14.32 -12.99 17.67
N VAL B 71 13.05 -12.77 17.33
CA VAL B 71 12.70 -11.70 16.41
C VAL B 71 13.27 -10.39 16.90
N ASP B 72 13.03 -10.04 18.17
CA ASP B 72 13.58 -8.79 18.68
C ASP B 72 15.08 -8.72 18.43
N LYS B 73 15.78 -9.85 18.58
CA LYS B 73 17.21 -9.86 18.34
C LYS B 73 17.55 -9.59 16.87
N ALA B 74 16.77 -10.14 15.96
CA ALA B 74 17.06 -9.96 14.53
C ALA B 74 16.72 -8.54 14.11
N VAL B 75 15.64 -7.98 14.59
CA VAL B 75 15.30 -6.61 14.14
C VAL B 75 16.37 -5.61 14.58
N GLU B 76 16.93 -5.77 15.76
CA GLU B 76 18.00 -4.87 16.24
C GLU B 76 19.21 -5.04 15.32
N ALA B 77 19.51 -6.25 14.90
CA ALA B 77 20.60 -6.45 13.95
C ALA B 77 20.31 -5.65 12.69
N ALA B 78 19.13 -5.87 12.10
CA ALA B 78 18.75 -5.22 10.86
C ALA B 78 18.67 -3.70 11.00
N GLN B 79 18.23 -3.19 12.16
CA GLN B 79 18.28 -1.75 12.36
C GLN B 79 19.70 -1.24 12.30
N VAL B 80 20.61 -1.92 13.00
CA VAL B 80 21.99 -1.45 13.05
C VAL B 80 22.60 -1.54 11.66
N ALA B 81 22.18 -2.54 10.89
CA ALA B 81 22.72 -2.70 9.55
C ALA B 81 22.25 -1.60 8.63
N PHE B 82 21.09 -0.99 8.92
CA PHE B 82 20.51 0.07 8.11
C PHE B 82 20.84 1.47 8.63
N GLN B 83 21.58 1.58 9.73
CA GLN B 83 21.93 2.90 10.27
C GLN B 83 22.82 3.64 9.27
N ARG B 84 22.61 4.95 9.15
CA ARG B 84 23.39 5.69 8.17
C ARG B 84 24.86 5.64 8.58
N GLY B 85 25.72 5.48 7.57
CA GLY B 85 27.13 5.26 7.79
C GLY B 85 27.55 3.81 7.84
N SER B 86 26.61 2.89 8.07
CA SER B 86 26.95 1.48 8.14
C SER B 86 27.55 1.02 6.81
N PRO B 87 28.33 -0.06 6.84
CA PRO B 87 28.85 -0.61 5.58
C PRO B 87 27.80 -0.75 4.52
N TRP B 88 26.60 -1.24 4.90
CA TRP B 88 25.56 -1.53 3.93
C TRP B 88 25.00 -0.27 3.28
N ARG B 89 24.96 0.84 4.01
CA ARG B 89 24.39 2.05 3.41
C ARG B 89 25.43 2.83 2.61
N ARG B 90 26.69 2.83 3.04
CA ARG B 90 27.72 3.51 2.29
C ARG B 90 28.05 2.81 0.98
N LEU B 91 27.51 1.61 0.75
CA LEU B 91 27.78 0.91 -0.50
C LEU B 91 27.28 1.68 -1.70
N ASP B 92 27.95 1.48 -2.84
CA ASP B 92 27.44 1.97 -4.11
C ASP B 92 26.09 1.35 -4.41
N ALA B 93 25.31 2.04 -5.23
CA ALA B 93 24.19 1.37 -5.88
C ALA B 93 24.68 0.17 -6.68
N LEU B 94 25.70 0.35 -7.53
CA LEU B 94 26.11 -0.76 -8.38
C LEU B 94 26.68 -1.92 -7.55
N SER B 95 27.33 -1.61 -6.44
CA SER B 95 27.93 -2.68 -5.65
C SER B 95 26.87 -3.54 -4.96
N ARG B 96 25.77 -2.91 -4.55
CA ARG B 96 24.59 -3.68 -4.16
C ARG B 96 24.16 -4.61 -5.28
N GLY B 97 23.99 -4.07 -6.49
CA GLY B 97 23.69 -4.93 -7.63
C GLY B 97 24.70 -6.05 -7.80
N ARG B 98 25.99 -5.73 -7.64
CA ARG B 98 27.03 -6.74 -7.78
C ARG B 98 26.91 -7.83 -6.72
N LEU B 99 26.54 -7.45 -5.49
CA LEU B 99 26.31 -8.43 -4.42
C LEU B 99 25.13 -9.34 -4.73
N LEU B 100 24.07 -8.82 -5.33
CA LEU B 100 22.96 -9.69 -5.70
C LEU B 100 23.39 -10.68 -6.79
N HIS B 101 24.21 -10.21 -7.74
CA HIS B 101 24.74 -11.11 -8.78
C HIS B 101 25.64 -12.17 -8.16
N GLN B 102 26.46 -11.79 -7.18
CA GLN B 102 27.32 -12.78 -6.54
C GLN B 102 26.49 -13.81 -5.79
N LEU B 103 25.39 -13.38 -5.17
CA LEU B 103 24.49 -14.33 -4.54
C LEU B 103 23.84 -15.24 -5.56
N ALA B 104 23.41 -14.68 -6.68
CA ALA B 104 22.77 -15.51 -7.69
C ALA B 104 23.78 -16.50 -8.27
N ASP B 105 25.02 -16.06 -8.47
CA ASP B 105 26.08 -17.00 -8.81
C ASP B 105 26.08 -18.19 -7.86
N LEU B 106 26.19 -17.92 -6.55
CA LEU B 106 26.23 -18.99 -5.55
C LEU B 106 25.00 -19.89 -5.61
N VAL B 107 23.81 -19.32 -5.81
CA VAL B 107 22.63 -20.17 -5.89
C VAL B 107 22.73 -21.11 -7.07
N GLU B 108 23.26 -20.63 -8.20
CA GLU B 108 23.51 -21.49 -9.35
C GLU B 108 24.50 -22.60 -9.03
N ARG B 109 25.55 -22.29 -8.26
CA ARG B 109 26.51 -23.31 -7.88
C ARG B 109 25.84 -24.42 -7.08
N ASP B 110 25.26 -24.08 -5.93
CA ASP B 110 24.60 -25.03 -5.06
C ASP B 110 23.17 -24.92 -5.53
N ARG B 111 22.89 -25.49 -6.70
CA ARG B 111 21.60 -25.34 -7.35
C ARG B 111 20.96 -26.68 -7.04
N ALA B 112 21.76 -27.75 -7.04
CA ALA B 112 21.21 -29.09 -6.82
C ALA B 112 20.96 -29.36 -5.35
N THR B 113 21.85 -28.86 -4.47
CA THR B 113 21.61 -28.93 -3.04
C THR B 113 20.28 -28.29 -2.68
N LEU B 114 20.11 -27.02 -3.06
CA LEU B 114 18.86 -26.32 -2.75
C LEU B 114 17.67 -27.07 -3.33
N ALA B 115 17.71 -27.35 -4.64
CA ALA B 115 16.63 -28.11 -5.27
C ALA B 115 16.30 -29.39 -4.50
N ALA B 116 17.32 -30.05 -3.96
CA ALA B 116 17.09 -31.25 -3.15
C ALA B 116 16.36 -30.90 -1.86
N LEU B 117 16.95 -30.00 -1.05
CA LEU B 117 16.30 -29.56 0.17
C LEU B 117 14.87 -29.17 -0.09
N GLU B 118 14.61 -28.44 -1.17
CA GLU B 118 13.24 -28.04 -1.42
C GLU B 118 12.34 -29.26 -1.57
N THR B 119 12.75 -30.27 -2.36
CA THR B 119 11.89 -31.43 -2.62
C THR B 119 11.59 -32.19 -1.35
N MET B 120 12.64 -32.54 -0.59
CA MET B 120 12.49 -33.23 0.67
C MET B 120 11.39 -32.60 1.51
N ASP B 121 11.42 -31.28 1.59
CA ASP B 121 10.48 -30.58 2.45
C ASP B 121 9.15 -30.25 1.77
N THR B 122 9.05 -30.40 0.45
CA THR B 122 7.83 -30.05 -0.28
C THR B 122 7.08 -31.24 -0.84
N GLY B 123 7.77 -32.33 -1.15
CA GLY B 123 7.21 -33.28 -2.06
C GLY B 123 7.24 -32.82 -3.50
N LYS B 124 7.95 -31.73 -3.78
CA LYS B 124 8.10 -31.26 -5.15
C LYS B 124 8.94 -32.25 -5.94
N PRO B 125 8.52 -32.62 -7.14
CA PRO B 125 9.40 -33.35 -8.04
C PRO B 125 10.73 -32.61 -8.20
N PHE B 126 11.83 -33.33 -7.96
CA PHE B 126 13.15 -32.70 -7.93
C PHE B 126 13.49 -31.98 -9.23
N LEU B 127 13.02 -32.47 -10.36
CA LEU B 127 13.28 -31.77 -11.60
C LEU B 127 12.43 -30.52 -11.72
N HIS B 128 11.22 -30.52 -11.15
CA HIS B 128 10.44 -29.29 -11.07
C HIS B 128 11.15 -28.24 -10.22
N ALA B 129 11.67 -28.63 -9.05
CA ALA B 129 12.41 -27.69 -8.22
C ALA B 129 13.62 -27.15 -8.95
N PHE B 130 14.37 -28.02 -9.63
CA PHE B 130 15.62 -27.61 -10.26
C PHE B 130 15.37 -26.63 -11.40
N PHE B 131 14.41 -26.94 -12.28
CA PHE B 131 14.23 -26.21 -13.52
C PHE B 131 13.17 -25.12 -13.43
N ILE B 132 12.30 -25.17 -12.44
CA ILE B 132 11.29 -24.13 -12.31
C ILE B 132 11.63 -23.25 -11.12
N ASP B 133 11.45 -23.78 -9.90
CA ASP B 133 11.75 -23.02 -8.69
C ASP B 133 13.08 -22.30 -8.84
N LEU B 134 14.16 -23.06 -8.97
CA LEU B 134 15.44 -22.42 -8.84
C LEU B 134 15.84 -21.62 -10.06
N GLU B 135 15.37 -21.97 -11.24
CA GLU B 135 15.52 -21.05 -12.36
C GLU B 135 14.92 -19.70 -11.99
N GLY B 136 13.65 -19.70 -11.55
CA GLY B 136 12.97 -18.48 -11.16
C GLY B 136 13.74 -17.69 -10.10
N CYS B 137 14.36 -18.41 -9.16
CA CYS B 137 15.14 -17.75 -8.12
C CYS B 137 16.34 -17.03 -8.71
N ILE B 138 17.15 -17.76 -9.49
CA ILE B 138 18.35 -17.16 -10.07
C ILE B 138 17.98 -16.05 -11.05
N ARG B 139 16.89 -16.21 -11.79
CA ARG B 139 16.48 -15.16 -12.71
C ARG B 139 16.02 -13.92 -11.96
N THR B 140 15.24 -14.09 -10.90
CA THR B 140 14.74 -12.94 -10.14
C THR B 140 15.89 -12.17 -9.51
N LEU B 141 16.77 -12.90 -8.81
CA LEU B 141 17.96 -12.28 -8.24
C LEU B 141 18.69 -11.43 -9.28
N ARG B 142 18.90 -11.98 -10.50
CA ARG B 142 19.66 -11.29 -11.54
C ARG B 142 18.89 -10.10 -12.12
N TYR B 143 17.58 -10.27 -12.35
CA TYR B 143 16.76 -9.14 -12.79
C TYR B 143 16.92 -7.96 -11.87
N PHE B 144 16.69 -8.16 -10.57
CA PHE B 144 16.71 -7.03 -9.67
C PHE B 144 18.11 -6.57 -9.37
N ALA B 145 19.11 -7.41 -9.58
CA ALA B 145 20.49 -6.92 -9.47
C ALA B 145 20.72 -5.75 -10.42
N GLY B 146 20.17 -5.85 -11.63
CA GLY B 146 20.28 -4.78 -12.59
C GLY B 146 19.40 -3.58 -12.32
N TRP B 147 18.48 -3.66 -11.34
CA TRP B 147 17.65 -2.50 -11.05
C TRP B 147 18.31 -1.55 -10.08
N ALA B 148 19.38 -1.99 -9.41
CA ALA B 148 19.93 -1.26 -8.27
C ALA B 148 20.37 0.14 -8.68
N ASP B 149 21.23 0.25 -9.68
CA ASP B 149 21.72 1.55 -10.10
C ASP B 149 20.78 2.21 -11.09
N LYS B 150 19.57 1.68 -11.25
CA LYS B 150 18.55 2.33 -12.05
C LYS B 150 17.27 2.60 -11.26
N ILE B 151 17.35 2.67 -9.93
CA ILE B 151 16.24 3.13 -9.13
C ILE B 151 16.24 4.66 -9.20
N GLN B 152 15.36 5.26 -10.00
CA GLN B 152 15.45 6.69 -10.28
C GLN B 152 14.21 7.46 -9.83
N GLY B 153 14.45 8.64 -9.27
CA GLY B 153 13.40 9.56 -8.95
C GLY B 153 13.24 10.62 -10.01
N LYS B 154 12.56 11.69 -9.66
CA LYS B 154 12.12 12.67 -10.63
C LYS B 154 12.67 14.05 -10.32
N THR B 155 12.82 14.87 -11.36
CA THR B 155 13.09 16.30 -11.22
C THR B 155 11.89 17.00 -11.81
N ILE B 156 11.24 17.84 -11.02
CA ILE B 156 9.86 18.25 -11.25
C ILE B 156 9.81 19.75 -11.50
N PRO B 157 9.28 20.19 -12.64
CA PRO B 157 9.18 21.62 -12.93
C PRO B 157 8.20 22.33 -12.00
N THR B 158 8.62 23.45 -11.45
CA THR B 158 7.71 24.20 -10.57
C THR B 158 7.49 25.69 -10.65
N ASP B 159 8.54 26.46 -10.42
CA ASP B 159 8.43 27.90 -10.46
C ASP B 159 9.83 28.19 -11.01
N ASP B 160 10.04 29.42 -11.45
CA ASP B 160 11.34 29.78 -11.98
C ASP B 160 12.43 29.63 -10.94
N ASN B 161 12.13 29.95 -9.68
CA ASN B 161 13.13 30.09 -8.61
C ASN B 161 13.21 28.88 -7.69
N VAL B 162 12.55 27.78 -8.04
CA VAL B 162 12.48 26.60 -7.17
C VAL B 162 13.10 25.43 -7.91
N VAL B 163 13.84 24.61 -7.17
CA VAL B 163 14.37 23.34 -7.67
C VAL B 163 13.68 22.27 -6.87
N CYS B 164 13.01 21.36 -7.55
CA CYS B 164 12.16 20.38 -6.88
C CYS B 164 12.40 18.98 -7.43
N PHE B 165 12.79 18.07 -6.57
CA PHE B 165 13.02 16.71 -7.02
C PHE B 165 12.63 15.71 -5.94
N THR B 166 12.44 14.47 -6.38
CA THR B 166 12.09 13.34 -5.52
C THR B 166 13.22 12.32 -5.48
N ARG B 167 13.47 11.78 -4.29
CA ARG B 167 14.37 10.65 -4.08
C ARG B 167 13.56 9.43 -3.66
N HIS B 168 13.95 8.26 -4.17
CA HIS B 168 13.29 7.00 -3.80
C HIS B 168 14.16 6.30 -2.77
N GLU B 169 14.05 6.76 -1.52
CA GLU B 169 14.80 6.20 -0.40
C GLU B 169 14.34 4.77 -0.11
N PRO B 170 15.22 3.94 0.45
CA PRO B 170 14.76 2.65 1.00
C PRO B 170 13.86 2.86 2.21
N ILE B 171 13.00 1.87 2.45
CA ILE B 171 12.01 1.97 3.53
C ILE B 171 12.66 1.69 4.89
N GLY B 172 13.51 0.69 4.95
CA GLY B 172 14.17 0.38 6.21
C GLY B 172 14.17 -1.12 6.41
N VAL B 173 13.94 -1.56 7.65
CA VAL B 173 13.84 -2.99 7.92
C VAL B 173 12.53 -3.48 7.36
N CYS B 174 12.62 -4.44 6.45
CA CYS B 174 11.49 -5.11 5.85
C CYS B 174 11.39 -6.51 6.38
N GLY B 175 10.16 -6.96 6.59
CA GLY B 175 9.89 -8.33 7.01
C GLY B 175 9.23 -9.11 5.89
N ALA B 176 9.71 -10.33 5.67
CA ALA B 176 9.14 -11.27 4.72
C ALA B 176 8.63 -12.49 5.45
N ILE B 177 7.38 -12.86 5.18
CA ILE B 177 6.72 -14.05 5.72
C ILE B 177 6.17 -14.82 4.53
N THR B 178 6.57 -16.08 4.39
CA THR B 178 6.35 -16.82 3.15
C THR B 178 5.63 -18.12 3.43
N PRO B 179 5.03 -18.74 2.42
CA PRO B 179 4.31 -20.00 2.63
C PRO B 179 5.20 -21.18 2.31
N TRP B 180 4.59 -22.37 2.28
CA TRP B 180 5.30 -23.60 1.97
C TRP B 180 5.16 -24.02 0.50
N ASN B 181 4.20 -23.44 -0.24
CA ASN B 181 3.97 -23.91 -1.61
C ASN B 181 5.19 -23.66 -2.50
N PHE B 182 5.87 -22.54 -2.31
CA PHE B 182 7.08 -22.22 -3.07
C PHE B 182 8.05 -21.53 -2.12
N PRO B 183 8.59 -22.28 -1.16
CA PRO B 183 9.31 -21.65 -0.04
C PRO B 183 10.44 -20.73 -0.48
N LEU B 184 11.38 -21.23 -1.28
CA LEU B 184 12.51 -20.39 -1.66
C LEU B 184 12.10 -19.30 -2.65
N LEU B 185 11.27 -19.66 -3.64
CA LEU B 185 10.88 -18.69 -4.65
C LEU B 185 10.20 -17.46 -4.04
N MET B 186 9.23 -17.69 -3.16
CA MET B 186 8.49 -16.57 -2.58
C MET B 186 9.33 -15.72 -1.64
N LEU B 187 10.39 -16.28 -1.06
CA LEU B 187 11.34 -15.51 -0.26
C LEU B 187 12.20 -14.61 -1.14
N VAL B 188 12.75 -15.16 -2.23
CA VAL B 188 13.56 -14.41 -3.18
C VAL B 188 12.78 -13.24 -3.77
N TRP B 189 11.56 -13.52 -4.25
CA TRP B 189 10.67 -12.52 -4.84
C TRP B 189 10.66 -11.25 -3.99
N LYS B 190 10.74 -11.40 -2.67
CA LYS B 190 10.84 -10.27 -1.77
C LYS B 190 12.29 -9.83 -1.56
N LEU B 191 13.19 -10.79 -1.31
CA LEU B 191 14.56 -10.44 -0.96
C LEU B 191 15.25 -9.66 -2.06
N ALA B 192 15.06 -10.08 -3.33
CA ALA B 192 15.79 -9.42 -4.42
C ALA B 192 15.46 -7.94 -4.45
N PRO B 193 14.21 -7.53 -4.68
CA PRO B 193 13.96 -6.10 -4.79
C PRO B 193 14.24 -5.34 -3.50
N ALA B 194 13.94 -5.93 -2.37
CA ALA B 194 14.17 -5.27 -1.08
C ALA B 194 15.64 -4.89 -0.92
N LEU B 195 16.52 -5.84 -1.14
CA LEU B 195 18.00 -5.69 -1.02
C LEU B 195 18.53 -4.78 -2.11
N CYS B 196 17.99 -4.90 -3.31
CA CYS B 196 18.39 -4.05 -4.45
C CYS B 196 18.08 -2.59 -4.13
N CYS B 197 16.97 -2.32 -3.45
CA CYS B 197 16.63 -0.95 -3.04
C CYS B 197 17.42 -0.53 -1.80
N GLY B 198 18.19 -1.42 -1.17
CA GLY B 198 19.02 -1.04 -0.06
C GLY B 198 18.37 -1.18 1.30
N ASN B 199 17.43 -2.11 1.45
CA ASN B 199 16.82 -2.33 2.75
C ASN B 199 17.60 -3.39 3.53
N THR B 200 17.16 -3.65 4.75
CA THR B 200 17.60 -4.80 5.51
C THR B 200 16.38 -5.65 5.79
N MET B 201 16.60 -6.91 6.16
CA MET B 201 15.52 -7.90 6.13
C MET B 201 15.51 -8.79 7.37
N VAL B 202 14.29 -9.21 7.74
CA VAL B 202 14.04 -10.23 8.76
C VAL B 202 13.06 -11.20 8.11
N LEU B 203 13.53 -12.40 7.77
CA LEU B 203 12.71 -13.39 7.06
C LEU B 203 12.25 -14.48 8.01
N LYS B 204 10.98 -14.88 7.87
CA LYS B 204 10.44 -16.07 8.53
C LYS B 204 9.90 -17.04 7.50
N PRO B 205 10.60 -18.13 7.22
CA PRO B 205 10.04 -19.17 6.37
C PRO B 205 8.91 -19.86 7.08
N ALA B 206 8.11 -20.61 6.31
CA ALA B 206 7.03 -21.38 6.90
C ALA B 206 7.60 -22.44 7.85
N GLU B 207 6.81 -22.81 8.86
CA GLU B 207 7.25 -23.87 9.75
C GLU B 207 7.44 -25.15 8.97
N GLN B 208 6.53 -25.44 8.03
CA GLN B 208 6.61 -26.67 7.26
C GLN B 208 7.89 -26.74 6.41
N THR B 209 8.40 -25.60 5.95
CA THR B 209 9.46 -25.59 4.94
C THR B 209 10.51 -24.55 5.28
N PRO B 210 11.37 -24.82 6.26
CA PRO B 210 12.43 -23.87 6.63
C PRO B 210 13.80 -24.14 6.03
N LEU B 211 13.99 -25.24 5.31
CA LEU B 211 15.36 -25.65 4.99
C LEU B 211 15.97 -24.76 3.93
N THR B 212 15.24 -24.52 2.84
CA THR B 212 15.78 -23.67 1.79
C THR B 212 16.18 -22.30 2.32
N ALA B 213 15.32 -21.69 3.15
CA ALA B 213 15.59 -20.35 3.63
C ALA B 213 16.92 -20.28 4.35
N LEU B 214 17.14 -21.15 5.32
CA LEU B 214 18.39 -21.10 6.07
C LEU B 214 19.59 -21.50 5.24
N TYR B 215 19.41 -22.36 4.22
CA TYR B 215 20.53 -22.62 3.32
C TYR B 215 20.94 -21.32 2.63
N LEU B 216 19.97 -20.58 2.10
CA LEU B 216 20.25 -19.31 1.47
C LEU B 216 21.13 -18.44 2.38
N GLY B 217 20.83 -18.45 3.69
CA GLY B 217 21.57 -17.61 4.61
C GLY B 217 23.05 -17.90 4.61
N SER B 218 23.42 -19.19 4.56
CA SER B 218 24.81 -19.55 4.28
C SER B 218 25.32 -18.78 3.08
N LEU B 219 24.60 -18.88 1.96
CA LEU B 219 25.04 -18.21 0.74
C LEU B 219 25.07 -16.69 0.88
N ILE B 220 24.12 -16.13 1.65
CA ILE B 220 24.09 -14.69 1.85
C ILE B 220 25.38 -14.21 2.51
N LYS B 221 25.83 -14.92 3.55
CA LYS B 221 27.14 -14.61 4.14
C LYS B 221 28.25 -14.76 3.09
N GLU B 222 28.31 -15.91 2.42
CA GLU B 222 29.42 -16.21 1.52
C GLU B 222 29.56 -15.17 0.43
N ALA B 223 28.43 -14.65 -0.06
CA ALA B 223 28.45 -13.70 -1.16
C ALA B 223 28.98 -12.34 -0.76
N GLY B 224 29.07 -12.04 0.53
CA GLY B 224 29.67 -10.81 0.98
C GLY B 224 28.72 -9.79 1.54
N PHE B 225 27.45 -10.12 1.70
CA PHE B 225 26.52 -9.17 2.31
C PHE B 225 26.98 -8.84 3.73
N PRO B 226 27.01 -7.57 4.13
CA PRO B 226 27.36 -7.22 5.50
C PRO B 226 26.49 -7.96 6.50
N PRO B 227 27.01 -8.22 7.69
CA PRO B 227 26.18 -8.82 8.73
C PRO B 227 25.01 -7.92 9.07
N GLY B 228 23.89 -8.55 9.37
CA GLY B 228 22.70 -7.81 9.75
C GLY B 228 21.80 -7.41 8.60
N VAL B 229 22.27 -7.51 7.35
CA VAL B 229 21.42 -7.06 6.25
C VAL B 229 20.27 -8.03 6.05
N VAL B 230 20.48 -9.32 6.30
CA VAL B 230 19.43 -10.31 6.12
C VAL B 230 19.51 -11.28 7.27
N ASN B 231 18.40 -11.42 8.01
CA ASN B 231 18.31 -12.27 9.18
C ASN B 231 17.10 -13.18 9.00
N ILE B 232 17.15 -14.38 9.57
CA ILE B 232 16.13 -15.40 9.33
C ILE B 232 15.79 -16.11 10.65
N VAL B 233 14.53 -16.11 11.02
CA VAL B 233 14.06 -16.68 12.28
C VAL B 233 12.98 -17.71 11.97
N PRO B 234 13.33 -18.98 11.91
CA PRO B 234 12.30 -20.00 11.65
C PRO B 234 11.42 -20.20 12.86
N GLY B 235 10.23 -20.74 12.62
CA GLY B 235 9.25 -20.84 13.67
C GLY B 235 7.85 -20.69 13.10
N PHE B 236 6.91 -20.46 14.02
CA PHE B 236 5.49 -20.58 13.74
C PHE B 236 4.87 -19.20 13.54
N GLY B 237 3.73 -19.22 12.84
CA GLY B 237 3.03 -18.01 12.47
C GLY B 237 2.56 -17.18 13.65
N PRO B 238 1.68 -17.67 14.67
CA PRO B 238 1.03 -17.09 16.09
C PRO B 238 2.28 -16.62 16.82
N THR B 239 3.42 -17.27 16.60
CA THR B 239 4.61 -16.89 17.39
C THR B 239 5.62 -15.99 16.69
N VAL B 240 6.25 -16.40 15.59
CA VAL B 240 7.31 -15.51 15.03
C VAL B 240 6.70 -14.54 14.03
N GLY B 241 5.82 -15.03 13.20
CA GLY B 241 5.13 -14.17 12.25
C GLY B 241 4.44 -13.02 12.93
N ALA B 242 3.74 -13.30 14.04
CA ALA B 242 3.04 -12.27 14.80
C ALA B 242 4.01 -11.28 15.44
N ALA B 243 5.17 -11.75 15.88
CA ALA B 243 6.14 -10.79 16.41
C ALA B 243 6.68 -9.89 15.31
N ILE B 244 6.72 -10.39 14.07
CA ILE B 244 7.21 -9.58 12.96
C ILE B 244 6.14 -8.60 12.48
N SER B 245 4.91 -9.07 12.32
CA SER B 245 3.86 -8.18 11.87
C SER B 245 3.61 -7.03 12.84
N SER B 246 3.79 -7.26 14.14
CA SER B 246 3.54 -6.22 15.15
C SER B 246 4.77 -5.45 15.57
N HIS B 247 5.94 -5.70 14.97
CA HIS B 247 7.14 -5.14 15.53
C HIS B 247 7.13 -3.65 15.28
N PRO B 248 7.34 -2.82 16.30
CA PRO B 248 7.28 -1.37 16.11
C PRO B 248 8.44 -0.84 15.29
N GLN B 249 9.51 -1.62 15.09
CA GLN B 249 10.68 -1.16 14.36
C GLN B 249 10.86 -1.84 13.02
N ILE B 250 9.90 -2.64 12.56
CA ILE B 250 9.89 -3.07 11.17
C ILE B 250 9.04 -2.10 10.38
N ASN B 251 9.57 -1.61 9.26
CA ASN B 251 8.91 -0.54 8.53
C ASN B 251 8.04 -1.05 7.38
N LYS B 252 8.26 -2.28 6.93
CA LYS B 252 7.55 -2.80 5.78
C LYS B 252 7.43 -4.31 5.93
N ILE B 253 6.28 -4.84 5.58
CA ILE B 253 6.01 -6.27 5.70
C ILE B 253 5.54 -6.77 4.34
N ALA B 254 6.07 -7.91 3.92
CA ALA B 254 5.65 -8.58 2.69
C ALA B 254 5.23 -9.99 3.06
N PHE B 255 3.99 -10.35 2.71
CA PHE B 255 3.39 -11.59 3.17
C PHE B 255 2.74 -12.34 2.01
N THR B 256 3.21 -13.55 1.74
CA THR B 256 2.53 -14.47 0.83
C THR B 256 1.93 -15.61 1.65
N GLY B 257 0.71 -15.98 1.35
CA GLY B 257 0.04 -16.96 2.21
C GLY B 257 -1.48 -16.85 2.04
N SER B 258 -2.19 -17.27 3.10
CA SER B 258 -3.65 -17.36 3.10
C SER B 258 -4.28 -15.97 3.04
N THR B 259 -5.50 -15.90 2.55
CA THR B 259 -6.24 -14.65 2.67
C THR B 259 -6.46 -14.28 4.13
N GLU B 260 -6.79 -15.28 4.97
CA GLU B 260 -7.13 -15.02 6.37
C GLU B 260 -5.94 -14.49 7.16
N VAL B 261 -4.85 -15.26 7.18
CA VAL B 261 -3.65 -14.77 7.84
C VAL B 261 -3.19 -13.48 7.20
N GLY B 262 -3.48 -13.28 5.91
CA GLY B 262 -3.18 -12.01 5.29
C GLY B 262 -3.95 -10.86 5.93
N LYS B 263 -5.26 -11.05 6.12
CA LYS B 263 -6.07 -10.11 6.89
C LYS B 263 -5.48 -9.85 8.25
N LEU B 264 -5.04 -10.91 8.95
CA LEU B 264 -4.54 -10.69 10.29
C LEU B 264 -3.23 -9.91 10.25
N VAL B 265 -2.38 -10.21 9.27
CA VAL B 265 -1.08 -9.57 9.17
C VAL B 265 -1.24 -8.08 8.92
N LYS B 266 -2.13 -7.71 8.00
CA LYS B 266 -2.33 -6.29 7.75
C LYS B 266 -2.87 -5.56 8.97
N GLU B 267 -3.71 -6.23 9.77
CA GLU B 267 -4.29 -5.58 10.94
C GLU B 267 -3.23 -5.34 12.02
N ALA B 268 -2.39 -6.34 12.28
CA ALA B 268 -1.28 -6.14 13.20
C ALA B 268 -0.39 -5.00 12.74
N ALA B 269 -0.08 -4.96 11.45
CA ALA B 269 0.70 -3.87 10.88
C ALA B 269 0.01 -2.55 11.15
N SER B 270 -1.31 -2.52 11.01
CA SER B 270 -2.08 -1.32 11.29
C SER B 270 -2.02 -0.96 12.76
N ARG B 271 -2.45 -1.86 13.63
CA ARG B 271 -2.52 -1.60 15.09
C ARG B 271 -1.20 -1.15 15.69
N SER B 272 -0.10 -1.35 14.99
CA SER B 272 1.24 -1.13 15.60
C SER B 272 1.90 0.16 15.16
N ASN B 273 2.55 0.15 13.99
CA ASN B 273 3.28 1.35 13.55
C ASN B 273 3.00 1.66 12.09
N LEU B 274 1.90 1.15 11.52
CA LEU B 274 1.49 1.48 10.15
C LEU B 274 2.55 1.08 9.12
N LYS B 275 3.26 -0.02 9.37
CA LYS B 275 4.23 -0.50 8.39
C LYS B 275 3.54 -0.75 7.04
N ARG B 276 4.25 -0.40 5.97
CA ARG B 276 3.75 -0.63 4.62
C ARG B 276 3.55 -2.13 4.44
N VAL B 277 2.48 -2.52 3.74
CA VAL B 277 2.11 -3.92 3.62
C VAL B 277 1.95 -4.31 2.15
N THR B 278 2.74 -5.29 1.71
CA THR B 278 2.47 -6.05 0.49
C THR B 278 1.80 -7.37 0.84
N LEU B 279 0.84 -7.81 0.01
CA LEU B 279 0.09 -9.05 0.26
C LEU B 279 -0.05 -9.84 -1.04
N GLU B 280 0.37 -11.09 -1.01
CA GLU B 280 0.08 -12.02 -2.09
C GLU B 280 -0.68 -13.19 -1.46
N LEU B 281 -1.99 -13.25 -1.72
CA LEU B 281 -2.89 -14.24 -1.17
C LEU B 281 -3.36 -15.19 -2.27
N GLY B 282 -4.41 -15.96 -2.00
CA GLY B 282 -4.88 -16.97 -2.92
C GLY B 282 -5.88 -16.44 -3.94
N GLY B 283 -6.52 -17.37 -4.65
CA GLY B 283 -7.54 -17.00 -5.61
C GLY B 283 -8.36 -18.18 -6.08
N LYS B 284 -9.54 -17.86 -6.60
CA LYS B 284 -10.32 -18.84 -7.33
C LYS B 284 -10.19 -18.56 -8.83
N ASN B 285 -8.99 -18.87 -9.32
CA ASN B 285 -8.48 -18.35 -10.58
C ASN B 285 -9.20 -18.95 -11.78
N PRO B 286 -9.91 -18.16 -12.57
CA PRO B 286 -10.62 -18.72 -13.72
C PRO B 286 -9.70 -19.07 -14.87
N CYS B 287 -10.08 -20.12 -15.59
CA CYS B 287 -9.39 -20.52 -16.80
C CYS B 287 -10.49 -20.69 -17.84
N ILE B 288 -10.58 -19.75 -18.77
CA ILE B 288 -11.70 -19.62 -19.70
C ILE B 288 -11.29 -20.12 -21.08
N VAL B 289 -11.95 -21.17 -21.58
CA VAL B 289 -11.67 -21.80 -22.87
C VAL B 289 -12.81 -21.47 -23.83
N CYS B 290 -12.53 -20.71 -24.88
CA CYS B 290 -13.55 -20.37 -25.86
C CYS B 290 -13.65 -21.44 -26.95
N ALA B 291 -14.75 -21.38 -27.70
CA ALA B 291 -15.03 -22.37 -28.73
C ALA B 291 -13.88 -22.46 -29.72
N ASP B 292 -13.32 -21.31 -30.11
CA ASP B 292 -12.29 -21.25 -31.13
C ASP B 292 -10.89 -21.43 -30.56
N ALA B 293 -10.73 -22.16 -29.47
CA ALA B 293 -9.41 -22.34 -28.89
C ALA B 293 -8.68 -23.49 -29.56
N ASP B 294 -7.34 -23.40 -29.56
CA ASP B 294 -6.52 -24.57 -29.83
C ASP B 294 -7.08 -25.30 -28.62
N LEU B 295 -7.60 -26.49 -28.89
CA LEU B 295 -8.33 -27.27 -27.90
C LEU B 295 -7.24 -28.10 -27.25
N ASP B 296 -6.30 -28.60 -28.04
CA ASP B 296 -5.26 -29.45 -27.45
C ASP B 296 -4.34 -28.64 -26.57
N LEU B 297 -4.05 -27.39 -26.97
CA LEU B 297 -3.28 -26.50 -26.12
C LEU B 297 -4.07 -26.15 -24.86
N ALA B 298 -5.32 -25.69 -25.05
CA ALA B 298 -6.18 -25.39 -23.91
C ALA B 298 -6.16 -26.53 -22.91
N VAL B 299 -6.41 -27.76 -23.38
CA VAL B 299 -6.49 -28.89 -22.47
C VAL B 299 -5.17 -29.04 -21.72
N GLU B 300 -4.06 -29.10 -22.46
CA GLU B 300 -2.77 -29.36 -21.81
C GLU B 300 -2.44 -28.28 -20.80
N CYS B 301 -2.54 -27.01 -21.21
CA CYS B 301 -2.16 -25.93 -20.31
C CYS B 301 -3.14 -25.81 -19.14
N ALA B 302 -4.45 -25.77 -19.41
CA ALA B 302 -5.43 -25.81 -18.34
C ALA B 302 -5.20 -26.99 -17.41
N HIS B 303 -4.74 -28.12 -17.94
CA HIS B 303 -4.52 -29.30 -17.11
C HIS B 303 -3.37 -29.07 -16.14
N GLN B 304 -2.16 -28.81 -16.67
CA GLN B 304 -1.05 -28.60 -15.76
C GLN B 304 -1.26 -27.32 -14.95
N GLY B 305 -2.08 -26.39 -15.45
CA GLY B 305 -2.50 -25.26 -14.64
C GLY B 305 -3.23 -25.68 -13.37
N VAL B 306 -4.08 -26.70 -13.46
CA VAL B 306 -4.70 -27.23 -12.24
C VAL B 306 -3.66 -27.91 -11.38
N PHE B 307 -3.06 -28.99 -11.89
CA PHE B 307 -2.37 -29.98 -11.08
C PHE B 307 -0.90 -29.67 -10.83
N PHE B 308 -0.36 -28.60 -11.43
CA PHE B 308 1.06 -28.32 -11.23
C PHE B 308 1.36 -28.10 -9.75
N ASN B 309 2.54 -28.55 -9.34
CA ASN B 309 2.97 -28.47 -7.96
C ASN B 309 1.89 -29.00 -7.02
N GLN B 310 1.42 -30.18 -7.41
CA GLN B 310 0.41 -31.00 -6.70
C GLN B 310 -0.84 -30.18 -6.40
N GLY B 311 -1.22 -29.31 -7.31
CA GLY B 311 -2.36 -28.45 -7.08
C GLY B 311 -2.16 -27.34 -6.06
N GLN B 312 -0.98 -27.25 -5.44
CA GLN B 312 -0.69 -26.37 -4.31
C GLN B 312 0.00 -25.12 -4.87
N CYS B 313 -0.76 -24.21 -5.47
CA CYS B 313 -0.13 -23.05 -6.11
C CYS B 313 -1.05 -21.84 -6.04
N CYS B 314 -0.44 -20.67 -5.77
CA CYS B 314 -1.11 -19.38 -5.89
C CYS B 314 -1.98 -19.33 -7.14
N THR B 315 -1.43 -19.74 -8.26
CA THR B 315 -2.03 -19.57 -9.57
C THR B 315 -2.86 -20.76 -9.99
N ALA B 316 -3.11 -21.72 -9.09
CA ALA B 316 -3.80 -22.95 -9.45
C ALA B 316 -5.12 -22.68 -10.16
N ALA B 317 -5.36 -23.41 -11.25
CA ALA B 317 -6.57 -23.27 -12.06
C ALA B 317 -7.74 -23.85 -11.29
N SER B 318 -8.64 -22.99 -10.82
CA SER B 318 -9.68 -23.39 -9.89
C SER B 318 -11.04 -23.54 -10.55
N ARG B 319 -11.24 -22.97 -11.73
CA ARG B 319 -12.57 -22.84 -12.32
C ARG B 319 -12.42 -22.80 -13.84
N VAL B 320 -12.56 -23.96 -14.48
CA VAL B 320 -12.38 -24.11 -15.92
C VAL B 320 -13.72 -23.80 -16.59
N PHE B 321 -13.91 -22.56 -17.03
CA PHE B 321 -15.07 -22.23 -17.85
C PHE B 321 -14.84 -22.65 -19.32
N VAL B 322 -15.78 -23.40 -19.89
CA VAL B 322 -15.69 -23.89 -21.25
C VAL B 322 -16.97 -23.50 -21.99
N GLU B 323 -16.83 -23.13 -23.25
CA GLU B 323 -18.01 -22.80 -24.03
C GLU B 323 -18.73 -24.09 -24.42
N GLU B 324 -20.06 -23.99 -24.56
CA GLU B 324 -20.88 -25.18 -24.76
C GLU B 324 -20.45 -25.93 -26.00
N GLN B 325 -20.03 -25.20 -27.04
CA GLN B 325 -19.66 -25.83 -28.31
C GLN B 325 -18.62 -26.92 -28.11
N VAL B 326 -17.67 -26.69 -27.21
CA VAL B 326 -16.58 -27.64 -27.01
C VAL B 326 -16.58 -28.24 -25.61
N TYR B 327 -17.60 -27.98 -24.80
CA TYR B 327 -17.67 -28.47 -23.44
C TYR B 327 -17.36 -29.94 -23.15
N SER B 328 -18.01 -30.84 -23.88
CA SER B 328 -18.08 -32.23 -23.45
C SER B 328 -16.76 -32.87 -23.88
N GLU B 329 -16.34 -32.65 -25.11
CA GLU B 329 -15.12 -33.33 -25.52
C GLU B 329 -13.86 -32.53 -25.17
N PHE B 330 -14.02 -31.29 -24.67
CA PHE B 330 -12.98 -30.77 -23.78
C PHE B 330 -12.91 -31.61 -22.51
N VAL B 331 -14.06 -31.80 -21.84
CA VAL B 331 -14.12 -32.60 -20.61
C VAL B 331 -13.46 -33.94 -20.84
N ARG B 332 -13.80 -34.62 -21.94
CA ARG B 332 -13.19 -35.92 -22.23
C ARG B 332 -11.69 -35.78 -22.38
N ARG B 333 -11.23 -34.83 -23.20
CA ARG B 333 -9.81 -34.74 -23.53
C ARG B 333 -8.96 -34.48 -22.29
N SER B 334 -9.50 -33.75 -21.30
CA SER B 334 -8.79 -33.52 -20.05
C SER B 334 -8.69 -34.80 -19.22
N VAL B 335 -9.74 -35.63 -19.24
CA VAL B 335 -9.75 -36.83 -18.39
C VAL B 335 -8.57 -37.73 -18.72
N GLU B 336 -8.23 -37.83 -20.02
CA GLU B 336 -7.15 -38.71 -20.43
C GLU B 336 -5.81 -38.19 -19.95
N TYR B 337 -5.59 -36.87 -20.02
CA TYR B 337 -4.35 -36.28 -19.48
C TYR B 337 -4.19 -36.61 -18.00
N ALA B 338 -5.28 -36.47 -17.24
CA ALA B 338 -5.24 -36.70 -15.80
C ALA B 338 -4.77 -38.13 -15.48
N LYS B 339 -5.42 -39.12 -16.10
CA LYS B 339 -5.15 -40.50 -15.74
C LYS B 339 -3.71 -40.91 -16.09
N LYS B 340 -3.21 -40.47 -17.23
CA LYS B 340 -1.86 -40.86 -17.67
C LYS B 340 -0.77 -40.03 -17.01
N ARG B 341 -1.10 -39.22 -16.01
CA ARG B 341 -0.12 -38.31 -15.43
C ARG B 341 0.66 -38.99 -14.32
N PRO B 342 1.98 -39.18 -14.48
CA PRO B 342 2.77 -39.94 -13.49
C PRO B 342 2.69 -39.35 -12.10
N VAL B 343 2.61 -40.24 -11.11
CA VAL B 343 2.63 -39.88 -9.69
C VAL B 343 3.55 -40.85 -8.96
N GLY B 344 4.31 -40.34 -7.98
CA GLY B 344 5.22 -41.25 -7.27
C GLY B 344 6.29 -40.50 -6.51
N ASP B 345 7.49 -41.10 -6.48
CA ASP B 345 8.61 -40.58 -5.70
C ASP B 345 9.09 -39.26 -6.30
N PRO B 346 9.22 -38.20 -5.49
CA PRO B 346 9.69 -36.91 -6.03
C PRO B 346 10.98 -37.00 -6.81
N PHE B 347 11.98 -37.70 -6.28
CA PHE B 347 13.28 -37.72 -6.94
C PHE B 347 13.28 -38.53 -8.22
N ASP B 348 12.32 -39.42 -8.42
CA ASP B 348 12.32 -40.23 -9.63
C ASP B 348 12.00 -39.36 -10.84
N VAL B 349 12.85 -39.48 -11.85
CA VAL B 349 12.99 -38.49 -12.92
C VAL B 349 11.67 -38.39 -13.69
N LYS B 350 10.90 -39.48 -13.72
CA LYS B 350 9.60 -39.45 -14.40
C LYS B 350 8.33 -38.98 -13.71
N THR B 351 8.41 -38.46 -12.49
CA THR B 351 7.24 -38.01 -11.74
C THR B 351 6.81 -36.63 -12.22
N GLU B 352 5.50 -36.38 -12.16
CA GLU B 352 4.97 -35.03 -12.36
C GLU B 352 4.23 -34.49 -11.14
N GLN B 353 3.67 -35.36 -10.30
CA GLN B 353 2.92 -34.95 -9.12
C GLN B 353 3.34 -35.80 -7.93
N GLY B 354 3.53 -35.16 -6.78
CA GLY B 354 3.97 -35.85 -5.60
C GLY B 354 2.95 -35.80 -4.47
N PRO B 355 3.44 -35.88 -3.24
CA PRO B 355 2.54 -35.87 -2.08
C PRO B 355 1.99 -34.49 -1.80
N GLN B 356 0.87 -34.46 -1.08
CA GLN B 356 0.45 -33.18 -0.52
C GLN B 356 1.31 -32.85 0.69
N ILE B 357 1.27 -31.58 1.11
CA ILE B 357 2.31 -31.04 1.97
C ILE B 357 2.31 -31.73 3.34
N ASP B 358 1.13 -31.86 3.94
CA ASP B 358 0.98 -32.50 5.24
C ASP B 358 -0.40 -33.15 5.26
N GLN B 359 -0.66 -33.95 6.31
CA GLN B 359 -1.96 -34.59 6.40
C GLN B 359 -3.08 -33.59 6.69
N LYS B 360 -2.75 -32.45 7.30
CA LYS B 360 -3.75 -31.40 7.53
C LYS B 360 -4.44 -30.99 6.24
N GLN B 361 -3.69 -30.98 5.14
CA GLN B 361 -4.24 -30.63 3.83
C GLN B 361 -4.89 -31.84 3.17
N PHE B 362 -4.17 -32.97 3.20
CA PHE B 362 -4.60 -34.20 2.57
C PHE B 362 -6.07 -34.51 2.86
N ASP B 363 -6.48 -34.38 4.11
CA ASP B 363 -7.88 -34.62 4.42
C ASP B 363 -8.75 -33.45 3.99
N LYS B 364 -8.20 -32.22 4.01
CA LYS B 364 -9.03 -31.07 3.69
C LYS B 364 -9.48 -31.09 2.24
N ILE B 365 -8.62 -31.56 1.35
CA ILE B 365 -9.01 -31.67 -0.06
C ILE B 365 -9.96 -32.82 -0.26
N LEU B 366 -9.64 -33.97 0.35
CA LEU B 366 -10.52 -35.13 0.28
C LEU B 366 -11.92 -34.79 0.79
N GLU B 367 -11.98 -33.95 1.82
CA GLU B 367 -13.27 -33.47 2.30
C GLU B 367 -14.02 -32.72 1.21
N LEU B 368 -13.33 -31.88 0.46
CA LEU B 368 -14.00 -31.10 -0.57
C LEU B 368 -14.32 -31.91 -1.81
N ILE B 369 -13.47 -32.89 -2.15
CA ILE B 369 -13.82 -33.84 -3.20
C ILE B 369 -15.19 -34.43 -2.92
N GLU B 370 -15.40 -34.87 -1.67
CA GLU B 370 -16.67 -35.48 -1.31
C GLU B 370 -17.81 -34.48 -1.31
N SER B 371 -17.52 -33.18 -1.19
CA SER B 371 -18.58 -32.21 -1.42
C SER B 371 -18.96 -32.16 -2.90
N GLY B 372 -18.00 -32.39 -3.80
CA GLY B 372 -18.32 -32.41 -5.21
C GLY B 372 -19.36 -33.48 -5.54
N LYS B 373 -19.13 -34.70 -5.07
CA LYS B 373 -20.14 -35.75 -5.21
C LYS B 373 -21.44 -35.33 -4.54
N LYS B 374 -21.37 -34.88 -3.28
CA LYS B 374 -22.55 -34.56 -2.48
C LYS B 374 -23.38 -33.41 -3.06
N GLU B 375 -22.77 -32.51 -3.82
CA GLU B 375 -23.54 -31.47 -4.49
C GLU B 375 -23.85 -31.80 -5.95
N GLY B 376 -23.33 -32.93 -6.46
CA GLY B 376 -23.85 -33.52 -7.67
C GLY B 376 -23.02 -33.48 -8.95
N ALA B 377 -21.72 -33.22 -8.84
CA ALA B 377 -20.90 -33.14 -10.03
C ALA B 377 -20.49 -34.53 -10.49
N LYS B 378 -20.63 -34.79 -11.78
CA LYS B 378 -20.19 -36.04 -12.37
C LYS B 378 -18.68 -36.16 -12.26
N LEU B 379 -18.22 -37.15 -11.51
CA LEU B 379 -16.80 -37.35 -11.28
C LEU B 379 -16.22 -38.14 -12.44
N GLU B 380 -15.67 -37.43 -13.42
CA GLU B 380 -15.18 -38.11 -14.60
C GLU B 380 -13.87 -38.85 -14.38
N CYS B 381 -13.20 -38.70 -13.23
CA CYS B 381 -11.88 -39.29 -13.04
C CYS B 381 -11.52 -39.28 -11.56
N GLY B 382 -10.59 -40.17 -11.19
CA GLY B 382 -10.00 -40.15 -9.86
C GLY B 382 -11.04 -40.17 -8.74
N GLY B 383 -10.83 -39.28 -7.76
CA GLY B 383 -11.78 -39.10 -6.67
C GLY B 383 -11.34 -39.66 -5.34
N SER B 384 -10.28 -40.47 -5.31
CA SER B 384 -9.89 -41.18 -4.10
C SER B 384 -8.48 -40.80 -3.70
N ALA B 385 -7.87 -41.58 -2.82
CA ALA B 385 -6.45 -41.45 -2.53
C ALA B 385 -5.72 -42.63 -3.14
N MET B 386 -4.49 -42.41 -3.56
CA MET B 386 -3.69 -43.43 -4.29
C MET B 386 -3.18 -44.70 -3.60
N GLU B 387 -2.38 -44.53 -2.56
CA GLU B 387 -1.75 -45.64 -1.81
C GLU B 387 -2.12 -45.27 -0.39
N ASP B 388 -2.65 -46.21 0.39
CA ASP B 388 -3.16 -45.84 1.74
C ASP B 388 -2.02 -45.27 2.59
N LYS B 389 -0.83 -45.86 2.55
CA LYS B 389 0.22 -45.34 3.45
C LYS B 389 0.58 -43.87 3.17
N GLY B 390 0.80 -43.46 1.91
CA GLY B 390 1.32 -42.12 1.60
C GLY B 390 0.30 -41.00 1.57
N LEU B 391 0.77 -39.76 1.33
CA LEU B 391 -0.08 -38.58 1.25
C LEU B 391 -0.49 -38.21 -0.18
N PHE B 392 -0.34 -39.14 -1.12
CA PHE B 392 -0.66 -38.88 -2.53
C PHE B 392 -2.18 -38.92 -2.76
N ILE B 393 -2.60 -38.29 -3.87
CA ILE B 393 -3.98 -38.29 -4.33
C ILE B 393 -3.98 -38.48 -5.85
N LYS B 394 -4.84 -39.37 -6.35
CA LYS B 394 -4.82 -39.49 -7.80
C LYS B 394 -5.62 -38.33 -8.43
N PRO B 395 -5.17 -37.84 -9.58
CA PRO B 395 -5.81 -36.67 -10.20
C PRO B 395 -7.29 -36.87 -10.49
N THR B 396 -8.07 -35.85 -10.13
CA THR B 396 -9.52 -35.89 -10.07
C THR B 396 -10.12 -34.79 -10.95
N VAL B 397 -11.20 -35.11 -11.68
CA VAL B 397 -11.86 -34.17 -12.59
C VAL B 397 -13.35 -34.21 -12.35
N PHE B 398 -14.02 -33.06 -12.43
CA PHE B 398 -15.47 -33.01 -12.27
C PHE B 398 -16.11 -32.45 -13.54
N SER B 399 -17.45 -32.56 -13.59
CA SER B 399 -18.13 -32.49 -14.87
C SER B 399 -18.99 -31.27 -15.10
N GLU B 400 -20.26 -31.35 -14.72
CA GLU B 400 -21.18 -30.24 -14.95
C GLU B 400 -21.36 -29.44 -13.67
N VAL B 401 -20.19 -29.01 -13.18
CA VAL B 401 -20.10 -28.09 -12.05
C VAL B 401 -20.79 -26.76 -12.38
N THR B 402 -21.45 -26.19 -11.37
CA THR B 402 -22.09 -24.88 -11.45
C THR B 402 -21.47 -23.94 -10.41
N ASP B 403 -21.90 -22.68 -10.44
CA ASP B 403 -21.27 -21.65 -9.63
C ASP B 403 -21.45 -21.90 -8.13
N ASN B 404 -22.61 -22.42 -7.72
CA ASN B 404 -23.00 -22.51 -6.32
C ASN B 404 -22.29 -23.63 -5.55
N MET B 405 -21.77 -24.62 -6.24
CA MET B 405 -21.21 -25.79 -5.59
C MET B 405 -19.94 -25.42 -4.81
N ARG B 406 -19.53 -26.32 -3.93
CA ARG B 406 -18.39 -26.02 -3.06
C ARG B 406 -17.10 -25.98 -3.86
N ILE B 407 -16.88 -27.00 -4.69
CA ILE B 407 -15.67 -27.11 -5.50
C ILE B 407 -15.50 -25.94 -6.46
N ALA B 408 -16.49 -25.07 -6.62
CA ALA B 408 -16.43 -23.97 -7.56
C ALA B 408 -16.40 -22.59 -6.89
N LYS B 409 -16.25 -22.55 -5.56
CA LYS B 409 -16.21 -21.28 -4.85
C LYS B 409 -15.19 -21.25 -3.73
N GLU B 410 -14.65 -22.41 -3.32
CA GLU B 410 -13.64 -22.49 -2.27
C GLU B 410 -12.30 -22.93 -2.85
N GLU B 411 -11.21 -22.35 -2.36
CA GLU B 411 -9.89 -22.65 -2.88
C GLU B 411 -9.46 -24.05 -2.45
N ILE B 412 -9.43 -24.98 -3.41
CA ILE B 412 -9.17 -26.38 -3.10
C ILE B 412 -7.70 -26.59 -2.74
N PHE B 413 -6.78 -26.09 -3.57
CA PHE B 413 -5.31 -26.24 -3.34
C PHE B 413 -4.90 -27.72 -3.42
N GLY B 414 -5.53 -28.48 -4.30
CA GLY B 414 -5.11 -29.84 -4.58
C GLY B 414 -5.39 -30.21 -6.03
N PRO B 415 -5.10 -31.47 -6.41
CA PRO B 415 -5.39 -31.90 -7.78
C PRO B 415 -6.87 -32.10 -8.09
N VAL B 416 -7.61 -31.04 -8.43
CA VAL B 416 -9.04 -31.13 -8.71
C VAL B 416 -9.45 -30.14 -9.80
N GLN B 417 -10.01 -30.64 -10.91
CA GLN B 417 -10.35 -29.82 -12.07
C GLN B 417 -11.85 -29.62 -12.20
N PRO B 418 -12.39 -28.58 -11.60
CA PRO B 418 -13.85 -28.36 -11.70
C PRO B 418 -14.23 -27.60 -12.96
N ILE B 419 -14.91 -28.24 -13.91
CA ILE B 419 -15.17 -27.66 -15.22
C ILE B 419 -16.61 -27.19 -15.30
N LEU B 420 -16.81 -25.97 -15.77
CA LEU B 420 -18.13 -25.35 -15.87
C LEU B 420 -18.44 -25.09 -17.35
N LYS B 421 -19.66 -24.64 -17.61
CA LYS B 421 -20.14 -24.41 -18.97
C LYS B 421 -20.58 -22.96 -19.10
N PHE B 422 -20.26 -22.31 -20.22
CA PHE B 422 -20.83 -20.99 -20.41
C PHE B 422 -21.33 -20.83 -21.84
N LYS B 423 -22.26 -19.88 -21.99
CA LYS B 423 -22.96 -19.53 -23.22
C LYS B 423 -22.28 -18.37 -23.93
N SER B 424 -22.20 -17.21 -23.27
CA SER B 424 -21.74 -15.96 -23.86
C SER B 424 -20.45 -15.50 -23.16
N ILE B 425 -19.66 -14.67 -23.86
CA ILE B 425 -18.46 -14.11 -23.23
C ILE B 425 -18.85 -13.12 -22.13
N GLU B 426 -19.90 -12.33 -22.35
CA GLU B 426 -20.34 -11.43 -21.29
C GLU B 426 -20.82 -12.22 -20.08
N GLU B 427 -21.49 -13.35 -20.32
CA GLU B 427 -21.85 -14.22 -19.20
C GLU B 427 -20.61 -14.61 -18.42
N VAL B 428 -19.59 -15.14 -19.10
CA VAL B 428 -18.44 -15.68 -18.39
C VAL B 428 -17.63 -14.58 -17.73
N ILE B 429 -17.65 -13.37 -18.31
CA ILE B 429 -17.02 -12.23 -17.65
C ILE B 429 -17.60 -12.05 -16.26
N LYS B 430 -18.91 -11.78 -16.20
CA LYS B 430 -19.59 -11.58 -14.92
C LYS B 430 -19.42 -12.78 -14.00
N ARG B 431 -19.45 -14.00 -14.55
CA ARG B 431 -19.30 -15.17 -13.71
C ARG B 431 -17.87 -15.36 -13.19
N ALA B 432 -16.85 -14.98 -13.98
CA ALA B 432 -15.48 -15.09 -13.46
C ALA B 432 -15.20 -14.00 -12.43
N ASN B 433 -15.70 -12.80 -12.66
CA ASN B 433 -15.50 -11.70 -11.72
C ASN B 433 -16.42 -11.77 -10.51
N SER B 434 -17.28 -12.78 -10.39
CA SER B 434 -18.21 -12.89 -9.26
C SER B 434 -17.55 -13.33 -7.97
N THR B 435 -16.25 -13.54 -7.97
CA THR B 435 -15.53 -14.02 -6.80
C THR B 435 -15.01 -12.82 -6.00
N ASP B 436 -14.46 -13.10 -4.83
CA ASP B 436 -13.78 -12.04 -4.08
C ASP B 436 -12.31 -11.93 -4.44
N TYR B 437 -11.81 -12.85 -5.25
CA TYR B 437 -10.41 -12.95 -5.60
C TYR B 437 -10.18 -12.42 -7.02
N GLY B 438 -8.91 -12.40 -7.41
CA GLY B 438 -8.49 -11.92 -8.71
C GLY B 438 -6.97 -11.92 -8.81
N LEU B 439 -6.35 -13.08 -8.61
CA LEU B 439 -4.90 -13.17 -8.74
C LEU B 439 -4.52 -13.37 -10.20
N THR B 440 -4.96 -14.46 -10.80
CA THR B 440 -4.66 -14.78 -12.17
C THR B 440 -5.94 -15.17 -12.89
N ALA B 441 -5.82 -15.22 -14.22
CA ALA B 441 -6.87 -15.67 -15.11
C ALA B 441 -6.19 -16.11 -16.40
N ALA B 442 -6.71 -17.15 -17.03
CA ALA B 442 -6.25 -17.57 -18.35
C ALA B 442 -7.38 -17.49 -19.36
N VAL B 443 -7.04 -17.18 -20.60
CA VAL B 443 -8.01 -17.17 -21.69
C VAL B 443 -7.38 -17.88 -22.89
N PHE B 444 -8.09 -18.88 -23.42
CA PHE B 444 -7.69 -19.56 -24.65
C PHE B 444 -8.68 -19.25 -25.75
N THR B 445 -8.18 -18.68 -26.84
CA THR B 445 -8.93 -18.41 -28.04
C THR B 445 -7.92 -18.02 -29.10
N LYS B 446 -8.37 -18.06 -30.35
CA LYS B 446 -7.59 -17.53 -31.44
C LYS B 446 -8.15 -16.21 -31.92
N ASN B 447 -9.24 -15.74 -31.32
CA ASN B 447 -9.93 -14.55 -31.82
C ASN B 447 -9.35 -13.31 -31.17
N LEU B 448 -8.84 -12.39 -32.00
CA LEU B 448 -8.16 -11.21 -31.47
C LEU B 448 -9.07 -10.39 -30.56
N ASP B 449 -10.29 -10.10 -31.02
CA ASP B 449 -11.20 -9.27 -30.24
C ASP B 449 -11.59 -9.97 -28.95
N LYS B 450 -11.76 -11.29 -28.99
CA LYS B 450 -12.17 -12.01 -27.79
C LYS B 450 -11.07 -11.97 -26.74
N ALA B 451 -9.87 -12.40 -27.13
CA ALA B 451 -8.70 -12.30 -26.27
C ALA B 451 -8.57 -10.92 -25.64
N LEU B 452 -8.67 -9.86 -26.44
CA LEU B 452 -8.46 -8.54 -25.86
C LEU B 452 -9.67 -8.08 -25.04
N LYS B 453 -10.90 -8.29 -25.54
CA LYS B 453 -12.06 -7.93 -24.73
C LYS B 453 -12.01 -8.62 -23.38
N LEU B 454 -11.74 -9.93 -23.37
CA LEU B 454 -11.62 -10.65 -22.11
C LEU B 454 -10.52 -10.07 -21.24
N ALA B 455 -9.32 -9.93 -21.81
CA ALA B 455 -8.18 -9.40 -21.07
C ALA B 455 -8.51 -8.07 -20.41
N SER B 456 -9.19 -7.17 -21.13
CA SER B 456 -9.58 -5.89 -20.53
C SER B 456 -10.47 -6.08 -19.33
N ALA B 457 -11.46 -6.98 -19.40
CA ALA B 457 -12.57 -6.95 -18.46
C ALA B 457 -12.45 -7.94 -17.31
N LEU B 458 -11.55 -8.91 -17.39
CA LEU B 458 -11.39 -9.84 -16.28
C LEU B 458 -10.64 -9.17 -15.14
N GLU B 459 -11.19 -9.24 -13.92
CA GLU B 459 -10.64 -8.50 -12.78
C GLU B 459 -9.60 -9.35 -12.04
N SER B 460 -8.42 -9.44 -12.65
CA SER B 460 -7.34 -10.29 -12.19
C SER B 460 -6.00 -9.60 -12.40
N GLY B 461 -5.07 -9.85 -11.48
CA GLY B 461 -3.75 -9.21 -11.57
C GLY B 461 -2.96 -9.62 -12.80
N THR B 462 -2.98 -10.89 -13.15
CA THR B 462 -2.34 -11.40 -14.36
C THR B 462 -3.37 -12.13 -15.20
N VAL B 463 -3.37 -11.85 -16.50
CA VAL B 463 -4.28 -12.49 -17.44
C VAL B 463 -3.40 -13.12 -18.52
N TRP B 464 -3.21 -14.43 -18.44
CA TRP B 464 -2.53 -15.18 -19.49
C TRP B 464 -3.50 -15.43 -20.65
N ILE B 465 -2.94 -15.60 -21.84
CA ILE B 465 -3.73 -15.78 -23.07
C ILE B 465 -3.04 -16.83 -23.94
N ASN B 466 -3.74 -17.94 -24.16
CA ASN B 466 -3.16 -19.12 -24.81
C ASN B 466 -1.83 -19.48 -24.17
N CYS B 467 -1.80 -19.45 -22.83
CA CYS B 467 -0.72 -20.02 -22.03
C CYS B 467 -1.19 -20.06 -20.57
N TYR B 468 -0.35 -20.63 -19.71
CA TYR B 468 -0.63 -20.65 -18.28
C TYR B 468 0.68 -20.71 -17.50
N ASN B 469 0.70 -20.08 -16.33
CA ASN B 469 1.86 -20.10 -15.43
C ASN B 469 3.08 -19.47 -16.09
N ALA B 470 2.84 -18.44 -16.90
CA ALA B 470 3.89 -17.75 -17.64
C ALA B 470 4.29 -16.52 -16.85
N LEU B 471 5.19 -16.72 -15.89
CA LEU B 471 5.72 -15.65 -15.05
C LEU B 471 7.14 -15.29 -15.47
N TYR B 472 7.43 -13.99 -15.47
CA TYR B 472 8.76 -13.48 -15.80
C TYR B 472 9.21 -12.53 -14.71
N ALA B 473 10.52 -12.50 -14.45
CA ALA B 473 10.99 -11.60 -13.41
C ALA B 473 10.68 -10.16 -13.78
N GLN B 474 10.52 -9.87 -15.08
CA GLN B 474 10.25 -8.52 -15.53
C GLN B 474 8.79 -8.13 -15.40
N ALA B 475 7.89 -9.09 -15.17
CA ALA B 475 6.46 -8.82 -15.28
C ALA B 475 5.82 -8.86 -13.91
N PRO B 476 5.07 -7.84 -13.54
CA PRO B 476 4.57 -7.76 -12.16
C PRO B 476 3.50 -8.82 -11.92
N PHE B 477 3.43 -9.27 -10.66
CA PHE B 477 2.50 -10.33 -10.28
C PHE B 477 1.84 -9.97 -8.94
N GLY B 478 0.55 -10.26 -8.82
CA GLY B 478 -0.15 -9.92 -7.60
C GLY B 478 -1.64 -9.79 -7.85
N GLY B 479 -2.37 -9.52 -6.76
CA GLY B 479 -3.82 -9.71 -6.72
C GLY B 479 -4.66 -8.45 -6.86
N PHE B 480 -5.75 -8.57 -7.63
CA PHE B 480 -6.90 -7.68 -7.49
C PHE B 480 -7.67 -8.06 -6.23
N LYS B 481 -8.62 -7.20 -5.85
CA LYS B 481 -9.54 -7.44 -4.74
C LYS B 481 -8.90 -8.07 -3.49
N MET B 482 -9.37 -9.23 -3.08
CA MET B 482 -8.90 -9.79 -1.81
C MET B 482 -7.79 -10.79 -2.11
N SER B 483 -7.22 -10.74 -3.31
CA SER B 483 -6.10 -11.60 -3.62
C SER B 483 -4.75 -10.98 -3.32
N GLY B 484 -4.70 -9.69 -3.01
CA GLY B 484 -3.47 -9.09 -2.52
C GLY B 484 -3.51 -7.58 -2.55
N ASN B 485 -2.43 -6.98 -2.05
CA ASN B 485 -2.13 -5.56 -2.16
C ASN B 485 -0.71 -5.43 -2.71
N GLY B 486 -0.54 -4.60 -3.75
CA GLY B 486 0.78 -4.34 -4.30
C GLY B 486 1.16 -5.40 -5.30
N ARG B 487 2.41 -5.33 -5.77
CA ARG B 487 2.90 -6.26 -6.77
C ARG B 487 4.32 -6.72 -6.43
N GLU B 488 4.58 -7.95 -6.82
CA GLU B 488 5.96 -8.46 -6.78
C GLU B 488 6.44 -8.55 -8.23
N LEU B 489 7.73 -8.76 -8.39
CA LEU B 489 8.49 -9.02 -9.65
C LEU B 489 8.84 -8.11 -10.83
N GLY B 490 8.75 -6.79 -10.83
CA GLY B 490 8.89 -6.13 -12.14
C GLY B 490 9.37 -4.80 -11.65
N GLU B 491 9.56 -3.81 -12.51
CA GLU B 491 9.86 -2.50 -11.93
C GLU B 491 8.83 -2.10 -10.86
N TYR B 492 7.60 -2.60 -10.98
CA TYR B 492 6.57 -2.23 -10.01
C TYR B 492 6.95 -2.67 -8.61
N ALA B 493 7.85 -3.64 -8.50
CA ALA B 493 8.25 -4.15 -7.20
C ALA B 493 9.07 -3.13 -6.42
N LEU B 494 9.81 -2.27 -7.12
CA LEU B 494 10.62 -1.29 -6.42
C LEU B 494 9.77 -0.31 -5.61
N ALA B 495 8.52 -0.10 -6.02
CA ALA B 495 7.65 0.82 -5.30
C ALA B 495 7.30 0.28 -3.93
N GLU B 496 7.28 -1.05 -3.79
CA GLU B 496 6.96 -1.61 -2.50
C GLU B 496 8.14 -1.53 -1.54
N TYR B 497 9.34 -1.30 -2.06
CA TYR B 497 10.53 -1.27 -1.22
C TYR B 497 11.20 0.09 -1.17
N THR B 498 10.49 1.16 -1.51
CA THR B 498 11.07 2.49 -1.43
C THR B 498 10.03 3.46 -0.91
N GLU B 499 10.52 4.54 -0.32
CA GLU B 499 9.70 5.61 0.22
C GLU B 499 9.98 6.86 -0.58
N VAL B 500 8.95 7.43 -1.18
CA VAL B 500 9.14 8.65 -1.96
C VAL B 500 9.33 9.82 -1.01
N LYS B 501 10.35 10.64 -1.29
CA LYS B 501 10.66 11.87 -0.56
C LYS B 501 10.76 13.00 -1.57
N THR B 502 10.20 14.16 -1.20
CA THR B 502 10.25 15.35 -2.04
C THR B 502 11.15 16.40 -1.42
N VAL B 503 12.21 16.75 -2.14
CA VAL B 503 13.08 17.86 -1.81
C VAL B 503 12.66 19.07 -2.64
N THR B 504 12.51 20.23 -2.00
CA THR B 504 11.97 21.43 -2.64
C THR B 504 12.77 22.63 -2.15
N ILE B 505 13.61 23.19 -3.03
CA ILE B 505 14.53 24.26 -2.67
C ILE B 505 14.09 25.56 -3.32
N LYS B 506 13.89 26.61 -2.51
CA LYS B 506 13.62 27.96 -3.01
C LYS B 506 14.91 28.77 -3.04
N LEU B 507 15.20 29.36 -4.19
CA LEU B 507 16.39 30.16 -4.41
C LEU B 507 16.12 31.63 -4.10
N GLY B 508 17.14 32.32 -3.57
CA GLY B 508 17.05 33.73 -3.24
C GLY B 508 17.20 34.63 -4.45
#